data_4B7L
#
_entry.id   4B7L
#
_cell.length_a   72.180
_cell.length_b   69.690
_cell.length_c   73.460
_cell.angle_alpha   90.00
_cell.angle_beta   111.10
_cell.angle_gamma   90.00
#
_symmetry.space_group_name_H-M   'P 1 21 1'
#
loop_
_entity.id
_entity.type
_entity.pdbx_description
1 polymer FILAMIN-B
2 water water
#
_entity_poly.entity_id   1
_entity_poly.type   'polypeptide(L)'
_entity_poly.pdbx_seq_one_letter_code
;MPVTEKDLAEDAPWKKIQQNTFTRWCNEHLKSVNKRIGNLQTDLSDGLRLIALLEVLSQKRMYRKYHQRPTFRQMQLENV
SVALEFLDRESIKLVSIDSKAIVDGNLKLILGLVWTLILHYSISMPVWEDEGDDDAKKQTPKQRLLGWIQNKIPYLPITN
FNQNWQDGKALGALVDSCAPGLCPDWESWDPQKPVDNAREAMQQADDWLGVPQVITPEEIIHPDVDEHSVMTYLSQFPKA
KLKPGAPLKPKLNPKKARAYGRGIEPTGNMVKQPAKFTVDTISAGQGDVMVFVEDPEGNKEEAQVTPDSDKNKTYSVEYL
PKVTGLHKVTVLFAGQHISKSPFEVSV
;
_entity_poly.pdbx_strand_id   A,B
#
# COMPACT_ATOMS: atom_id res chain seq x y z
N PRO A 13 26.95 12.59 -21.05
CA PRO A 13 26.84 11.14 -20.86
C PRO A 13 25.83 10.76 -19.79
N TRP A 14 26.07 11.20 -18.56
CA TRP A 14 25.11 11.01 -17.48
C TRP A 14 23.86 11.84 -17.76
N LYS A 15 24.03 12.90 -18.54
CA LYS A 15 22.92 13.80 -18.88
C LYS A 15 22.17 13.33 -20.13
N LYS A 16 22.87 12.58 -20.99
CA LYS A 16 22.25 12.02 -22.19
C LYS A 16 21.26 10.94 -21.80
N ILE A 17 21.68 10.06 -20.88
CA ILE A 17 20.81 9.00 -20.40
C ILE A 17 19.65 9.58 -19.62
N GLN A 18 19.92 10.64 -18.86
CA GLN A 18 18.89 11.28 -18.05
C GLN A 18 17.83 11.91 -18.93
N GLN A 19 18.25 12.59 -19.99
CA GLN A 19 17.31 13.21 -20.91
C GLN A 19 16.41 12.16 -21.52
N ASN A 20 17.00 11.06 -21.99
CA ASN A 20 16.23 9.97 -22.56
C ASN A 20 15.21 9.44 -21.57
N THR A 21 15.66 9.16 -20.35
CA THR A 21 14.81 8.54 -19.33
C THR A 21 13.69 9.48 -18.90
N PHE A 22 14.01 10.75 -18.70
CA PHE A 22 13.00 11.73 -18.33
C PHE A 22 11.97 11.88 -19.46
N THR A 23 12.45 11.86 -20.70
CA THR A 23 11.57 11.96 -21.85
C THR A 23 10.59 10.80 -21.88
N ARG A 24 11.11 9.58 -21.70
CA ARG A 24 10.26 8.38 -21.73
C ARG A 24 9.25 8.42 -20.58
N TRP A 25 9.69 8.93 -19.44
CA TRP A 25 8.82 9.04 -18.28
C TRP A 25 7.65 9.98 -18.58
N CYS A 26 7.96 11.13 -19.16
CA CYS A 26 6.92 12.07 -19.58
C CYS A 26 5.95 11.41 -20.54
N ASN A 27 6.49 10.62 -21.47
CA ASN A 27 5.68 10.02 -22.52
C ASN A 27 4.69 8.97 -22.01
N GLU A 28 5.10 8.22 -20.99
CA GLU A 28 4.22 7.21 -20.41
C GLU A 28 2.96 7.85 -19.83
N HIS A 29 3.10 9.07 -19.32
CA HIS A 29 1.96 9.82 -18.77
C HIS A 29 1.14 10.48 -19.89
N LEU A 30 1.83 11.08 -20.85
CA LEU A 30 1.17 11.77 -21.95
C LEU A 30 0.40 10.83 -22.88
N LYS A 31 0.82 9.57 -22.91
CA LYS A 31 0.16 8.58 -23.75
C LYS A 31 -1.33 8.51 -23.45
N SER A 32 -1.70 8.73 -22.19
CA SER A 32 -3.10 8.66 -21.78
C SER A 32 -3.97 9.75 -22.42
N VAL A 33 -3.34 10.84 -22.87
CA VAL A 33 -4.07 11.91 -23.53
C VAL A 33 -3.59 12.10 -24.97
N ASN A 34 -3.08 11.02 -25.57
CA ASN A 34 -2.70 11.00 -26.97
C ASN A 34 -1.64 12.04 -27.35
N LYS A 35 -0.69 12.28 -26.46
CA LYS A 35 0.41 13.19 -26.74
C LYS A 35 1.75 12.50 -26.53
N ARG A 36 2.82 13.12 -27.03
CA ARG A 36 4.15 12.54 -26.93
C ARG A 36 5.23 13.57 -27.20
N ILE A 37 6.37 13.38 -26.56
CA ILE A 37 7.52 14.27 -26.68
C ILE A 37 8.60 13.63 -27.54
N GLY A 38 8.98 14.28 -28.63
CA GLY A 38 10.07 13.82 -29.46
C GLY A 38 11.41 14.34 -28.96
N ASN A 39 11.43 15.61 -28.55
CA ASN A 39 12.64 16.25 -28.05
C ASN A 39 12.30 17.16 -26.88
N LEU A 40 12.79 16.80 -25.70
CA LEU A 40 12.43 17.48 -24.47
C LEU A 40 12.83 18.96 -24.49
N GLN A 41 13.89 19.27 -25.22
CA GLN A 41 14.39 20.64 -25.29
C GLN A 41 13.45 21.58 -26.03
N THR A 42 12.65 21.05 -26.95
CA THR A 42 11.82 21.88 -27.80
C THR A 42 10.32 21.69 -27.61
N ASP A 43 9.91 20.48 -27.23
CA ASP A 43 8.50 20.11 -27.28
C ASP A 43 7.68 20.50 -26.06
N LEU A 44 8.32 21.12 -25.07
CA LEU A 44 7.59 21.70 -23.94
C LEU A 44 7.47 23.21 -24.13
N SER A 45 8.10 23.74 -25.16
CA SER A 45 8.24 25.18 -25.34
C SER A 45 6.92 25.94 -25.47
N ASP A 46 5.94 25.38 -26.18
CA ASP A 46 4.69 26.10 -26.39
C ASP A 46 3.68 25.85 -25.26
N GLY A 47 4.09 25.08 -24.25
CA GLY A 47 3.31 24.92 -23.04
C GLY A 47 2.21 23.89 -23.10
N LEU A 48 1.80 23.48 -24.30
CA LEU A 48 0.68 22.56 -24.45
C LEU A 48 0.94 21.19 -23.81
N ARG A 49 2.10 20.61 -24.08
CA ARG A 49 2.42 19.29 -23.55
C ARG A 49 2.75 19.34 -22.06
N LEU A 50 3.35 20.45 -21.63
CA LEU A 50 3.63 20.64 -20.22
C LEU A 50 2.32 20.68 -19.44
N ILE A 51 1.40 21.52 -19.90
CA ILE A 51 0.07 21.61 -19.28
C ILE A 51 -0.60 20.25 -19.20
N ALA A 52 -0.56 19.51 -20.30
CA ALA A 52 -1.19 18.19 -20.35
C ALA A 52 -0.57 17.26 -19.33
N LEU A 53 0.76 17.25 -19.26
CA LEU A 53 1.48 16.43 -18.30
C LEU A 53 1.06 16.74 -16.87
N LEU A 54 0.97 18.03 -16.55
CA LEU A 54 0.61 18.45 -15.20
C LEU A 54 -0.81 18.02 -14.84
N GLU A 55 -1.71 18.10 -15.82
CA GLU A 55 -3.08 17.67 -15.62
C GLU A 55 -3.16 16.17 -15.31
N VAL A 56 -2.38 15.37 -16.02
CA VAL A 56 -2.37 13.93 -15.79
C VAL A 56 -1.82 13.60 -14.41
N LEU A 57 -0.69 14.20 -14.07
CA LEU A 57 -0.03 13.94 -12.80
C LEU A 57 -0.89 14.37 -11.60
N SER A 58 -1.46 15.58 -11.68
CA SER A 58 -2.22 16.13 -10.57
C SER A 58 -3.69 15.69 -10.57
N GLN A 59 -4.12 15.08 -11.68
CA GLN A 59 -5.51 14.66 -11.83
CA GLN A 59 -5.52 14.65 -11.80
C GLN A 59 -6.46 15.84 -11.65
N LYS A 60 -6.02 17.00 -12.12
CA LYS A 60 -6.83 18.21 -12.11
C LYS A 60 -6.76 18.85 -13.49
N ARG A 61 -7.76 19.66 -13.82
CA ARG A 61 -7.75 20.42 -15.06
C ARG A 61 -7.31 21.85 -14.78
N MET A 62 -6.61 22.46 -15.74
CA MET A 62 -6.24 23.86 -15.64
C MET A 62 -7.50 24.69 -15.43
N TYR A 63 -7.43 25.63 -14.49
CA TYR A 63 -8.58 26.49 -14.20
C TYR A 63 -8.56 27.74 -15.07
N ARG A 64 -7.36 28.20 -15.42
CA ARG A 64 -7.20 29.33 -16.33
C ARG A 64 -7.15 28.85 -17.77
N LYS A 65 -7.80 29.58 -18.68
CA LYS A 65 -7.73 29.28 -20.10
C LYS A 65 -6.32 29.53 -20.61
N TYR A 66 -5.97 28.87 -21.70
CA TYR A 66 -4.66 29.05 -22.32
C TYR A 66 -4.79 28.96 -23.84
N HIS A 67 -3.73 29.35 -24.54
CA HIS A 67 -3.75 29.35 -26.00
C HIS A 67 -3.71 27.93 -26.56
N GLN A 68 -4.73 27.57 -27.34
CA GLN A 68 -4.80 26.25 -27.94
C GLN A 68 -3.88 26.14 -29.15
N ARG A 69 -3.58 27.26 -29.77
CA ARG A 69 -2.73 27.30 -30.95
C ARG A 69 -1.70 28.43 -30.87
N PRO A 70 -0.72 28.30 -29.96
CA PRO A 70 0.33 29.30 -29.82
C PRO A 70 1.30 29.26 -31.00
N THR A 71 1.37 30.35 -31.76
CA THR A 71 2.17 30.37 -32.98
C THR A 71 3.40 31.26 -32.87
N PHE A 72 3.44 32.13 -31.86
CA PHE A 72 4.61 32.97 -31.64
C PHE A 72 5.00 33.01 -30.17
N ARG A 73 6.26 33.37 -29.92
CA ARG A 73 6.87 33.27 -28.60
C ARG A 73 5.97 33.85 -27.49
N GLN A 74 5.35 34.99 -27.75
CA GLN A 74 4.53 35.65 -26.74
C GLN A 74 3.42 34.73 -26.25
N MET A 75 2.80 33.99 -27.16
CA MET A 75 1.71 33.08 -26.81
C MET A 75 2.23 31.87 -26.03
N GLN A 76 3.46 31.46 -26.35
CA GLN A 76 4.09 30.34 -25.68
C GLN A 76 4.46 30.72 -24.25
N LEU A 77 4.95 31.95 -24.08
CA LEU A 77 5.29 32.45 -22.76
C LEU A 77 4.05 32.48 -21.88
N GLU A 78 2.93 32.89 -22.48
CA GLU A 78 1.69 33.01 -21.73
C GLU A 78 1.12 31.65 -21.33
N ASN A 79 1.32 30.65 -22.19
CA ASN A 79 0.90 29.29 -21.87
C ASN A 79 1.73 28.70 -20.72
N VAL A 80 3.04 28.82 -20.82
CA VAL A 80 3.93 28.33 -19.78
C VAL A 80 3.64 29.04 -18.47
N SER A 81 3.30 30.32 -18.55
CA SER A 81 2.95 31.11 -17.36
C SER A 81 1.83 30.45 -16.57
N VAL A 82 0.83 29.93 -17.29
CA VAL A 82 -0.29 29.26 -16.65
C VAL A 82 0.19 28.00 -15.93
N ALA A 83 1.09 27.26 -16.57
CA ALA A 83 1.62 26.03 -16.00
C ALA A 83 2.43 26.31 -14.74
N LEU A 84 3.31 27.30 -14.81
CA LEU A 84 4.15 27.66 -13.67
C LEU A 84 3.30 28.22 -12.53
N GLU A 85 2.24 28.92 -12.88
CA GLU A 85 1.32 29.45 -11.89
C GLU A 85 0.62 28.30 -11.18
N PHE A 86 0.25 27.29 -11.96
CA PHE A 86 -0.40 26.11 -11.42
C PHE A 86 0.52 25.37 -10.45
N LEU A 87 1.78 25.22 -10.84
CA LEU A 87 2.76 24.53 -10.01
C LEU A 87 2.98 25.23 -8.68
N ASP A 88 2.95 26.56 -8.69
CA ASP A 88 3.15 27.34 -7.46
CA ASP A 88 3.15 27.34 -7.46
C ASP A 88 1.96 27.15 -6.52
N ARG A 89 0.78 26.99 -7.09
CA ARG A 89 -0.44 26.80 -6.30
C ARG A 89 -0.47 25.39 -5.70
N GLU A 90 0.15 24.44 -6.39
CA GLU A 90 0.20 23.07 -5.90
C GLU A 90 1.32 22.89 -4.88
N SER A 91 2.10 23.95 -4.67
CA SER A 91 3.21 23.92 -3.72
C SER A 91 4.32 22.98 -4.17
N ILE A 92 4.60 22.99 -5.47
CA ILE A 92 5.70 22.21 -6.02
C ILE A 92 6.85 23.15 -6.37
N LYS A 93 7.73 23.38 -5.40
CA LYS A 93 8.82 24.33 -5.54
C LYS A 93 9.72 23.97 -6.72
N LEU A 94 10.07 24.99 -7.52
CA LEU A 94 10.89 24.79 -8.71
C LEU A 94 12.25 25.46 -8.53
N VAL A 95 13.30 24.80 -9.00
CA VAL A 95 14.65 25.30 -8.85
C VAL A 95 15.04 26.20 -10.01
N SER A 96 15.10 27.51 -9.75
CA SER A 96 15.47 28.50 -10.76
C SER A 96 14.77 28.22 -12.10
N ILE A 97 13.45 28.40 -12.12
CA ILE A 97 12.67 28.15 -13.32
C ILE A 97 11.74 29.32 -13.63
N ASP A 98 11.99 29.98 -14.74
CA ASP A 98 11.08 31.00 -15.24
C ASP A 98 10.53 30.59 -16.61
N SER A 99 9.59 31.37 -17.13
CA SER A 99 8.90 31.01 -18.36
C SER A 99 9.85 30.91 -19.56
N LYS A 100 10.82 31.82 -19.65
CA LYS A 100 11.73 31.82 -20.79
C LYS A 100 12.63 30.58 -20.78
N ALA A 101 13.01 30.11 -19.60
CA ALA A 101 13.84 28.91 -19.50
C ALA A 101 13.19 27.75 -20.26
N ILE A 102 11.87 27.63 -20.13
CA ILE A 102 11.14 26.57 -20.78
C ILE A 102 10.93 26.88 -22.26
N VAL A 103 10.43 28.08 -22.56
CA VAL A 103 10.14 28.47 -23.93
C VAL A 103 11.40 28.51 -24.80
N ASP A 104 12.51 29.01 -24.25
CA ASP A 104 13.74 29.17 -25.02
C ASP A 104 14.61 27.90 -24.99
N GLY A 105 14.13 26.86 -24.33
CA GLY A 105 14.75 25.55 -24.39
C GLY A 105 16.06 25.43 -23.61
N ASN A 106 16.06 25.91 -22.39
CA ASN A 106 17.21 25.72 -21.51
C ASN A 106 17.20 24.31 -20.94
N LEU A 107 17.95 23.41 -21.58
CA LEU A 107 17.85 21.99 -21.31
C LEU A 107 18.15 21.60 -19.86
N LYS A 108 19.19 22.19 -19.28
CA LYS A 108 19.58 21.82 -17.92
C LYS A 108 18.48 22.17 -16.92
N LEU A 109 17.77 23.27 -17.18
CA LEU A 109 16.69 23.70 -16.30
C LEU A 109 15.42 22.90 -16.57
N ILE A 110 15.18 22.57 -17.83
CA ILE A 110 14.04 21.76 -18.20
C ILE A 110 14.15 20.36 -17.60
N LEU A 111 15.37 19.83 -17.56
CA LEU A 111 15.61 18.54 -16.91
C LEU A 111 15.33 18.66 -15.42
N GLY A 112 15.71 19.79 -14.83
CA GLY A 112 15.46 20.04 -13.42
C GLY A 112 13.98 20.08 -13.11
N LEU A 113 13.20 20.67 -14.01
CA LEU A 113 11.76 20.75 -13.84
C LEU A 113 11.11 19.37 -13.89
N VAL A 114 11.53 18.55 -14.84
CA VAL A 114 10.97 17.20 -14.97
C VAL A 114 11.31 16.38 -13.73
N TRP A 115 12.57 16.45 -13.29
CA TRP A 115 12.97 15.72 -12.10
C TRP A 115 12.12 16.13 -10.92
N THR A 116 11.83 17.43 -10.82
CA THR A 116 10.98 17.95 -9.76
C THR A 116 9.62 17.26 -9.77
N LEU A 117 9.12 16.97 -10.97
CA LEU A 117 7.82 16.32 -11.10
C LEU A 117 7.93 14.82 -10.80
N ILE A 118 8.99 14.20 -11.26
CA ILE A 118 9.23 12.78 -10.97
C ILE A 118 9.34 12.58 -9.47
N LEU A 119 10.21 13.37 -8.84
CA LEU A 119 10.46 13.25 -7.41
C LEU A 119 9.16 13.41 -6.62
N HIS A 120 8.37 14.41 -6.98
CA HIS A 120 7.13 14.70 -6.26
C HIS A 120 6.07 13.64 -6.49
N TYR A 121 5.72 13.41 -7.75
CA TYR A 121 4.58 12.55 -8.09
C TYR A 121 4.88 11.05 -8.06
N SER A 122 6.10 10.66 -8.41
CA SER A 122 6.43 9.23 -8.53
C SER A 122 7.07 8.64 -7.28
N ILE A 123 7.70 9.48 -6.46
CA ILE A 123 8.49 8.97 -5.34
C ILE A 123 8.01 9.51 -3.99
N SER A 124 7.66 10.79 -3.95
CA SER A 124 7.32 11.44 -2.68
C SER A 124 5.85 11.24 -2.27
N MET A 125 4.94 11.50 -3.20
CA MET A 125 3.51 11.55 -2.88
C MET A 125 2.84 10.18 -2.72
N PRO A 126 3.10 9.25 -3.64
CA PRO A 126 2.35 7.98 -3.65
C PRO A 126 2.45 7.22 -2.34
N VAL A 127 1.47 6.36 -2.07
CA VAL A 127 1.51 5.47 -0.92
C VAL A 127 1.89 4.07 -1.39
N TRP A 128 2.77 3.42 -0.64
CA TRP A 128 3.31 2.13 -1.05
C TRP A 128 2.99 1.04 -0.03
N GLU A 129 3.10 -0.21 -0.46
CA GLU A 129 2.95 -1.36 0.44
C GLU A 129 4.27 -2.11 0.54
N LYS A 137 9.78 7.24 8.33
CA LYS A 137 10.52 8.05 9.29
C LYS A 137 10.73 9.46 8.75
N LYS A 138 11.71 10.16 9.33
CA LYS A 138 12.18 11.42 8.76
C LYS A 138 13.01 11.09 7.53
N GLN A 139 12.34 10.55 6.51
CA GLN A 139 13.03 9.98 5.36
C GLN A 139 12.88 10.84 4.11
N THR A 140 13.97 10.95 3.36
CA THR A 140 13.92 11.56 2.04
C THR A 140 13.32 10.55 1.08
N PRO A 141 12.70 11.03 -0.01
CA PRO A 141 12.13 10.13 -1.02
C PRO A 141 13.14 9.09 -1.49
N LYS A 142 14.38 9.50 -1.69
CA LYS A 142 15.44 8.61 -2.14
C LYS A 142 15.65 7.48 -1.14
N GLN A 143 15.74 7.82 0.14
CA GLN A 143 15.90 6.83 1.20
C GLN A 143 14.69 5.90 1.25
N ARG A 144 13.51 6.46 1.04
CA ARG A 144 12.28 5.68 1.06
C ARG A 144 12.30 4.61 -0.02
N LEU A 145 12.69 5.01 -1.23
CA LEU A 145 12.72 4.07 -2.35
C LEU A 145 13.80 3.02 -2.14
N LEU A 146 14.97 3.47 -1.69
CA LEU A 146 16.08 2.57 -1.45
C LEU A 146 15.67 1.50 -0.45
N GLY A 147 14.95 1.91 0.58
CA GLY A 147 14.49 0.99 1.62
C GLY A 147 13.48 -0.02 1.10
N TRP A 148 12.58 0.43 0.22
CA TRP A 148 11.57 -0.45 -0.34
C TRP A 148 12.21 -1.49 -1.26
N ILE A 149 13.19 -1.05 -2.04
CA ILE A 149 13.91 -1.94 -2.95
C ILE A 149 14.71 -2.96 -2.16
N GLN A 150 15.42 -2.50 -1.14
CA GLN A 150 16.23 -3.39 -0.31
C GLN A 150 15.38 -4.45 0.36
N ASN A 151 14.16 -4.08 0.74
CA ASN A 151 13.25 -5.01 1.37
C ASN A 151 12.84 -6.14 0.43
N LYS A 152 12.85 -5.85 -0.87
CA LYS A 152 12.51 -6.84 -1.89
C LYS A 152 13.70 -7.70 -2.26
N ILE A 153 14.90 -7.13 -2.17
CA ILE A 153 16.13 -7.83 -2.54
C ILE A 153 16.98 -8.12 -1.31
N PRO A 154 16.48 -8.98 -0.41
CA PRO A 154 17.14 -9.20 0.88
C PRO A 154 18.54 -9.82 0.80
N TYR A 155 18.86 -10.48 -0.29
CA TYR A 155 20.13 -11.20 -0.39
C TYR A 155 21.22 -10.42 -1.12
N LEU A 156 20.95 -9.16 -1.42
CA LEU A 156 21.94 -8.28 -2.01
C LEU A 156 21.99 -6.95 -1.25
N PRO A 157 23.20 -6.44 -1.02
CA PRO A 157 23.33 -5.12 -0.39
C PRO A 157 22.97 -4.02 -1.38
N ILE A 158 21.77 -3.48 -1.25
CA ILE A 158 21.31 -2.40 -2.13
C ILE A 158 21.47 -1.06 -1.41
N THR A 159 22.57 -0.37 -1.69
CA THR A 159 22.89 0.88 -1.00
C THR A 159 22.94 2.08 -1.95
N ASN A 160 22.73 1.85 -3.24
CA ASN A 160 22.79 2.94 -4.20
C ASN A 160 22.01 2.66 -5.48
N PHE A 161 21.91 3.68 -6.33
CA PHE A 161 21.18 3.57 -7.59
C PHE A 161 22.12 3.67 -8.79
N ASN A 162 23.30 3.06 -8.69
CA ASN A 162 24.19 2.99 -9.84
C ASN A 162 24.99 1.69 -9.93
N GLN A 163 26.05 1.57 -9.14
CA GLN A 163 26.95 0.42 -9.23
CA GLN A 163 26.95 0.42 -9.22
C GLN A 163 26.24 -0.89 -8.89
N ASN A 164 25.28 -0.84 -7.98
CA ASN A 164 24.55 -2.04 -7.58
C ASN A 164 23.78 -2.71 -8.72
N TRP A 165 23.47 -1.95 -9.76
CA TRP A 165 22.60 -2.45 -10.83
C TRP A 165 23.38 -2.77 -12.10
N GLN A 166 24.70 -2.71 -12.02
CA GLN A 166 25.55 -2.80 -13.20
C GLN A 166 25.61 -4.20 -13.84
N ASP A 167 25.54 -5.25 -13.03
CA ASP A 167 25.65 -6.61 -13.58
C ASP A 167 24.29 -7.20 -13.97
N GLY A 168 23.22 -6.43 -13.77
CA GLY A 168 21.90 -6.81 -14.24
C GLY A 168 21.18 -7.84 -13.37
N LYS A 169 21.87 -8.39 -12.38
CA LYS A 169 21.28 -9.44 -11.55
C LYS A 169 20.33 -8.87 -10.50
N ALA A 170 20.66 -7.71 -9.98
CA ALA A 170 19.79 -7.04 -9.00
C ALA A 170 18.39 -6.85 -9.59
N LEU A 171 18.33 -6.45 -10.86
CA LEU A 171 17.05 -6.30 -11.55
C LEU A 171 16.31 -7.63 -11.57
N GLY A 172 17.03 -8.71 -11.85
CA GLY A 172 16.43 -10.04 -11.84
C GLY A 172 15.85 -10.36 -10.49
N ALA A 173 16.60 -10.07 -9.44
CA ALA A 173 16.14 -10.32 -8.08
C ALA A 173 14.87 -9.53 -7.76
N LEU A 174 14.86 -8.25 -8.15
CA LEU A 174 13.72 -7.39 -7.87
C LEU A 174 12.46 -7.94 -8.52
N VAL A 175 12.53 -8.20 -9.83
CA VAL A 175 11.38 -8.67 -10.57
C VAL A 175 10.83 -9.98 -10.03
N ASP A 176 11.71 -10.94 -9.79
CA ASP A 176 11.28 -12.24 -9.29
C ASP A 176 10.63 -12.08 -7.92
N SER A 177 11.12 -11.13 -7.14
CA SER A 177 10.59 -10.91 -5.80
C SER A 177 9.16 -10.36 -5.87
N CYS A 178 8.89 -9.54 -6.89
CA CYS A 178 7.56 -8.98 -7.08
C CYS A 178 6.59 -10.05 -7.56
N ALA A 179 7.11 -11.06 -8.26
CA ALA A 179 6.29 -12.16 -8.76
C ALA A 179 7.17 -13.38 -8.96
N PRO A 180 7.40 -14.15 -7.89
CA PRO A 180 8.28 -15.33 -7.95
C PRO A 180 7.93 -16.24 -9.12
N GLY A 181 8.88 -16.43 -10.03
CA GLY A 181 8.65 -17.26 -11.20
C GLY A 181 8.93 -16.52 -12.50
N LEU A 182 9.10 -15.20 -12.42
CA LEU A 182 9.41 -14.41 -13.61
C LEU A 182 10.90 -14.51 -13.95
N CYS A 183 11.74 -14.39 -12.93
CA CYS A 183 13.19 -14.53 -13.10
C CYS A 183 13.73 -15.46 -12.02
N PRO A 184 13.24 -16.71 -12.00
CA PRO A 184 13.53 -17.66 -10.92
C PRO A 184 15.01 -17.96 -10.74
N ASP A 185 15.78 -17.92 -11.82
CA ASP A 185 17.19 -18.31 -11.76
C ASP A 185 18.12 -17.10 -11.77
N TRP A 186 17.63 -15.95 -11.30
CA TRP A 186 18.42 -14.72 -11.35
C TRP A 186 19.77 -14.87 -10.66
N GLU A 187 19.80 -15.60 -9.55
CA GLU A 187 21.04 -15.75 -8.79
C GLU A 187 22.10 -16.51 -9.57
N SER A 188 21.66 -17.28 -10.57
CA SER A 188 22.56 -18.10 -11.37
C SER A 188 23.03 -17.40 -12.64
N TRP A 189 22.40 -16.27 -12.98
CA TRP A 189 22.76 -15.55 -14.19
C TRP A 189 24.25 -15.22 -14.23
N ASP A 190 24.83 -15.27 -15.43
CA ASP A 190 26.22 -14.88 -15.64
C ASP A 190 26.38 -13.37 -15.44
N PRO A 191 27.18 -12.97 -14.45
CA PRO A 191 27.38 -11.53 -14.18
C PRO A 191 28.17 -10.82 -15.28
N GLN A 192 28.80 -11.59 -16.17
CA GLN A 192 29.56 -11.02 -17.27
C GLN A 192 28.68 -10.72 -18.48
N LYS A 193 27.38 -10.92 -18.33
CA LYS A 193 26.43 -10.63 -19.41
C LYS A 193 25.37 -9.67 -18.90
N PRO A 194 25.79 -8.46 -18.50
CA PRO A 194 24.92 -7.46 -17.87
C PRO A 194 23.74 -7.02 -18.74
N VAL A 195 23.99 -6.79 -20.03
CA VAL A 195 22.93 -6.34 -20.93
C VAL A 195 21.84 -7.39 -21.06
N ASP A 196 22.24 -8.64 -21.27
CA ASP A 196 21.29 -9.74 -21.41
C ASP A 196 20.46 -9.91 -20.15
N ASN A 197 21.12 -9.82 -18.99
CA ASN A 197 20.43 -9.94 -17.72
C ASN A 197 19.40 -8.84 -17.54
N ALA A 198 19.82 -7.60 -17.74
CA ALA A 198 18.94 -6.44 -17.55
C ALA A 198 17.77 -6.51 -18.52
N ARG A 199 18.03 -6.91 -19.76
CA ARG A 199 16.98 -6.99 -20.76
C ARG A 199 15.93 -8.02 -20.35
N GLU A 200 16.40 -9.18 -19.90
CA GLU A 200 15.49 -10.24 -19.49
C GLU A 200 14.60 -9.79 -18.34
N ALA A 201 15.22 -9.20 -17.31
CA ALA A 201 14.48 -8.76 -16.14
C ALA A 201 13.50 -7.63 -16.48
N MET A 202 13.96 -6.66 -17.24
CA MET A 202 13.16 -5.48 -17.54
C MET A 202 12.01 -5.80 -18.51
N GLN A 203 12.23 -6.73 -19.42
CA GLN A 203 11.19 -7.12 -20.36
C GLN A 203 10.11 -7.95 -19.66
N GLN A 204 10.50 -8.75 -18.68
CA GLN A 204 9.55 -9.51 -17.89
C GLN A 204 8.69 -8.56 -17.05
N ALA A 205 9.34 -7.57 -16.43
CA ALA A 205 8.63 -6.57 -15.64
C ALA A 205 7.66 -5.80 -16.53
N ASP A 206 8.10 -5.50 -17.74
CA ASP A 206 7.28 -4.79 -18.71
C ASP A 206 6.04 -5.60 -19.07
N ASP A 207 6.26 -6.86 -19.44
CA ASP A 207 5.20 -7.73 -19.95
C ASP A 207 4.18 -8.14 -18.89
N TRP A 208 4.65 -8.40 -17.67
CA TRP A 208 3.80 -9.04 -16.67
C TRP A 208 3.60 -8.23 -15.39
N LEU A 209 4.39 -7.18 -15.21
CA LEU A 209 4.23 -6.30 -14.05
C LEU A 209 3.77 -4.90 -14.45
N GLY A 210 3.75 -4.63 -15.75
CA GLY A 210 3.28 -3.34 -16.25
C GLY A 210 4.25 -2.22 -15.97
N VAL A 211 5.54 -2.54 -15.88
CA VAL A 211 6.56 -1.53 -15.61
C VAL A 211 7.23 -1.13 -16.93
N PRO A 212 6.91 0.07 -17.43
CA PRO A 212 7.50 0.47 -18.71
C PRO A 212 9.00 0.70 -18.62
N GLN A 213 9.72 0.41 -19.69
CA GLN A 213 11.16 0.55 -19.72
C GLN A 213 11.53 2.00 -20.04
N VAL A 214 11.27 2.89 -19.08
CA VAL A 214 11.55 4.31 -19.24
C VAL A 214 13.06 4.53 -19.34
N ILE A 215 13.82 3.57 -18.83
CA ILE A 215 15.25 3.48 -19.12
C ILE A 215 15.49 2.15 -19.83
N THR A 216 16.51 2.10 -20.68
CA THR A 216 16.80 0.88 -21.43
C THR A 216 17.84 0.02 -20.71
N PRO A 217 17.89 -1.28 -21.03
CA PRO A 217 18.88 -2.17 -20.42
C PRO A 217 20.31 -1.66 -20.63
N GLU A 218 20.61 -1.20 -21.83
CA GLU A 218 21.94 -0.69 -22.16
C GLU A 218 22.27 0.52 -21.31
N GLU A 219 21.26 1.34 -21.03
CA GLU A 219 21.46 2.58 -20.29
C GLU A 219 21.66 2.33 -18.80
N ILE A 220 20.82 1.48 -18.22
CA ILE A 220 20.82 1.29 -16.77
C ILE A 220 22.10 0.64 -16.23
N ILE A 221 22.82 -0.08 -17.10
CA ILE A 221 24.07 -0.72 -16.68
C ILE A 221 25.29 0.08 -17.13
N HIS A 222 25.05 1.15 -17.88
CA HIS A 222 26.14 2.02 -18.32
C HIS A 222 26.87 2.58 -17.11
N PRO A 223 28.21 2.67 -17.16
CA PRO A 223 28.99 3.15 -16.02
C PRO A 223 28.72 4.61 -15.66
N ASP A 224 28.42 5.42 -16.67
CA ASP A 224 28.12 6.84 -16.45
C ASP A 224 26.64 7.08 -16.14
N VAL A 225 25.88 6.01 -15.90
CA VAL A 225 24.46 6.18 -15.59
C VAL A 225 24.30 7.02 -14.33
N ASP A 226 23.25 7.84 -14.32
CA ASP A 226 22.99 8.73 -13.19
C ASP A 226 21.94 8.11 -12.27
N GLU A 227 22.01 8.43 -10.99
CA GLU A 227 21.10 7.87 -10.01
CA GLU A 227 21.10 7.86 -10.01
C GLU A 227 19.66 8.28 -10.28
N HIS A 228 19.48 9.50 -10.78
CA HIS A 228 18.13 9.98 -11.08
C HIS A 228 17.44 9.14 -12.15
N SER A 229 18.16 8.79 -13.21
CA SER A 229 17.60 7.97 -14.27
C SER A 229 17.18 6.61 -13.73
N VAL A 230 17.99 6.05 -12.85
CA VAL A 230 17.71 4.74 -12.27
C VAL A 230 16.52 4.83 -11.32
N MET A 231 16.50 5.87 -10.51
CA MET A 231 15.39 6.07 -9.56
C MET A 231 14.07 6.25 -10.30
N THR A 232 14.12 6.87 -11.47
CA THR A 232 12.91 7.09 -12.26
C THR A 232 12.30 5.75 -12.68
N TYR A 233 13.15 4.81 -13.07
CA TYR A 233 12.68 3.49 -13.48
C TYR A 233 12.17 2.67 -12.28
N LEU A 234 13.01 2.54 -11.26
CA LEU A 234 12.68 1.71 -10.11
C LEU A 234 11.47 2.21 -9.32
N SER A 235 11.21 3.52 -9.39
CA SER A 235 10.10 4.12 -8.67
C SER A 235 8.75 3.55 -9.12
N GLN A 236 8.75 2.82 -10.24
CA GLN A 236 7.52 2.26 -10.79
C GLN A 236 7.14 0.92 -10.15
N PHE A 237 8.09 0.27 -9.49
CA PHE A 237 7.85 -1.08 -8.98
C PHE A 237 6.87 -1.14 -7.80
N PRO A 238 6.93 -0.16 -6.88
CA PRO A 238 5.97 -0.18 -5.77
C PRO A 238 4.51 -0.23 -6.23
N LYS A 239 4.20 0.34 -7.39
CA LYS A 239 2.84 0.35 -7.91
C LYS A 239 2.57 -0.85 -8.81
N ALA A 240 3.62 -1.58 -9.16
CA ALA A 240 3.51 -2.69 -10.09
C ALA A 240 2.40 -3.65 -9.70
N LYS A 241 1.71 -4.19 -10.69
CA LYS A 241 0.70 -5.21 -10.46
C LYS A 241 0.86 -6.34 -11.48
N LEU A 242 0.72 -7.57 -11.00
CA LEU A 242 0.90 -8.74 -11.85
C LEU A 242 -0.29 -8.95 -12.79
N LYS A 243 -0.02 -9.10 -14.08
CA LYS A 243 -1.06 -9.35 -15.06
C LYS A 243 -1.47 -10.82 -15.02
N PRO A 244 -2.78 -11.10 -15.17
CA PRO A 244 -3.23 -12.50 -15.20
C PRO A 244 -2.61 -13.28 -16.36
N GLY A 245 -2.39 -14.57 -16.15
CA GLY A 245 -1.87 -15.43 -17.21
C GLY A 245 -0.35 -15.43 -17.27
N ALA A 246 0.29 -14.67 -16.39
CA ALA A 246 1.74 -14.58 -16.37
C ALA A 246 2.35 -15.98 -16.19
N PRO A 247 3.36 -16.32 -17.00
CA PRO A 247 3.98 -17.64 -16.97
C PRO A 247 4.95 -17.81 -15.80
N LEU A 248 4.42 -17.89 -14.58
CA LEU A 248 5.25 -18.02 -13.39
C LEU A 248 5.78 -19.43 -13.24
N LYS A 249 7.10 -19.55 -13.12
CA LYS A 249 7.76 -20.83 -12.86
C LYS A 249 8.71 -20.66 -11.69
N PRO A 250 8.15 -20.56 -10.47
CA PRO A 250 8.94 -20.25 -9.28
C PRO A 250 10.02 -21.30 -8.98
N LYS A 251 11.17 -20.83 -8.52
CA LYS A 251 12.30 -21.70 -8.20
C LYS A 251 11.83 -22.76 -7.20
N LEU A 252 11.15 -22.31 -6.16
CA LEU A 252 10.61 -23.21 -5.15
C LEU A 252 9.15 -23.49 -5.43
N ASN A 253 8.81 -24.77 -5.63
CA ASN A 253 7.43 -25.14 -5.92
C ASN A 253 7.07 -26.49 -5.32
N PRO A 254 6.61 -26.48 -4.05
CA PRO A 254 6.20 -27.70 -3.34
C PRO A 254 5.18 -28.53 -4.11
N LYS A 255 4.34 -27.87 -4.91
CA LYS A 255 3.29 -28.57 -5.64
C LYS A 255 3.83 -29.34 -6.83
N LYS A 256 5.10 -29.11 -7.17
CA LYS A 256 5.75 -29.90 -8.21
C LYS A 256 6.23 -31.22 -7.61
N ALA A 257 6.29 -31.29 -6.28
CA ALA A 257 6.65 -32.52 -5.60
C ALA A 257 5.46 -33.46 -5.54
N ARG A 258 5.73 -34.75 -5.67
CA ARG A 258 4.67 -35.75 -5.79
C ARG A 258 5.01 -36.99 -4.98
N ALA A 259 3.99 -37.66 -4.45
CA ALA A 259 4.18 -38.89 -3.70
C ALA A 259 3.45 -40.04 -4.37
N TYR A 260 4.02 -41.24 -4.26
CA TYR A 260 3.41 -42.44 -4.83
C TYR A 260 3.93 -43.67 -4.12
N GLY A 261 3.17 -44.77 -4.20
CA GLY A 261 3.53 -46.00 -3.53
C GLY A 261 2.44 -46.47 -2.58
N ARG A 262 2.48 -47.74 -2.20
CA ARG A 262 1.44 -48.34 -1.38
C ARG A 262 1.13 -47.52 -0.13
N GLY A 263 2.18 -46.93 0.45
CA GLY A 263 2.06 -46.23 1.72
C GLY A 263 1.08 -45.07 1.77
N ILE A 264 0.80 -44.45 0.63
CA ILE A 264 -0.14 -43.33 0.60
C ILE A 264 -1.38 -43.64 -0.25
N GLU A 265 -1.59 -44.93 -0.54
CA GLU A 265 -2.80 -45.34 -1.23
C GLU A 265 -3.92 -45.63 -0.23
N PRO A 266 -5.15 -45.24 -0.57
CA PRO A 266 -6.26 -45.22 0.38
C PRO A 266 -6.52 -46.56 1.06
N THR A 267 -6.26 -47.66 0.36
CA THR A 267 -6.47 -48.98 0.93
C THR A 267 -5.31 -49.90 0.58
N GLY A 268 -5.16 -50.98 1.35
CA GLY A 268 -4.11 -51.96 1.10
C GLY A 268 -3.18 -52.12 2.28
N ASN A 269 -2.68 -51.02 2.82
CA ASN A 269 -1.76 -51.07 3.95
C ASN A 269 -2.33 -51.86 5.11
N MET A 270 -1.54 -52.80 5.62
CA MET A 270 -1.98 -53.68 6.70
CA MET A 270 -1.98 -53.68 6.70
C MET A 270 -1.50 -53.18 8.05
N VAL A 271 -2.35 -53.32 9.06
CA VAL A 271 -2.00 -52.90 10.41
C VAL A 271 -0.78 -53.67 10.90
N LYS A 272 0.12 -52.95 11.58
CA LYS A 272 1.34 -53.53 12.13
C LYS A 272 2.30 -54.09 11.08
N GLN A 273 2.18 -53.58 9.86
CA GLN A 273 3.15 -53.90 8.80
C GLN A 273 3.70 -52.60 8.23
N PRO A 274 5.02 -52.54 7.97
CA PRO A 274 5.62 -51.33 7.43
C PRO A 274 4.91 -50.80 6.19
N ALA A 275 4.54 -49.52 6.23
CA ALA A 275 3.94 -48.87 5.07
C ALA A 275 4.99 -47.95 4.45
N LYS A 276 5.28 -48.16 3.17
CA LYS A 276 6.33 -47.41 2.49
C LYS A 276 5.84 -46.74 1.22
N PHE A 277 6.38 -45.55 0.95
CA PHE A 277 6.09 -44.86 -0.30
C PHE A 277 7.25 -43.95 -0.67
N THR A 278 7.15 -43.32 -1.83
CA THR A 278 8.23 -42.49 -2.34
C THR A 278 7.75 -41.06 -2.53
N VAL A 279 8.69 -40.12 -2.41
CA VAL A 279 8.42 -38.71 -2.68
C VAL A 279 9.41 -38.20 -3.71
N ASP A 280 8.87 -37.66 -4.80
CA ASP A 280 9.69 -37.10 -5.87
C ASP A 280 9.73 -35.59 -5.72
N THR A 281 10.93 -35.02 -5.71
CA THR A 281 11.09 -33.58 -5.53
C THR A 281 12.03 -32.98 -6.58
N ILE A 282 12.22 -33.69 -7.68
CA ILE A 282 13.20 -33.30 -8.68
C ILE A 282 12.89 -31.93 -9.29
N SER A 283 11.60 -31.60 -9.40
CA SER A 283 11.18 -30.35 -10.02
C SER A 283 10.67 -29.35 -8.98
N ALA A 284 10.79 -29.69 -7.71
CA ALA A 284 10.25 -28.86 -6.64
C ALA A 284 11.26 -27.82 -6.17
N GLY A 285 12.50 -27.96 -6.61
CA GLY A 285 13.54 -27.01 -6.25
C GLY A 285 14.28 -27.37 -4.98
N GLN A 286 14.65 -26.34 -4.22
CA GLN A 286 15.46 -26.51 -3.03
C GLN A 286 14.58 -26.69 -1.78
N GLY A 287 14.93 -27.68 -0.96
CA GLY A 287 14.18 -27.93 0.26
C GLY A 287 14.34 -29.36 0.75
N ASP A 288 13.83 -29.63 1.94
CA ASP A 288 13.91 -30.97 2.51
C ASP A 288 12.50 -31.53 2.72
N VAL A 289 12.40 -32.86 2.68
CA VAL A 289 11.12 -33.54 2.83
C VAL A 289 10.88 -33.91 4.29
N MET A 290 9.68 -33.63 4.77
CA MET A 290 9.28 -34.01 6.11
C MET A 290 7.89 -34.63 6.08
N VAL A 291 7.72 -35.75 6.77
CA VAL A 291 6.46 -36.47 6.76
C VAL A 291 6.05 -36.84 8.18
N PHE A 292 4.79 -36.60 8.51
CA PHE A 292 4.25 -37.07 9.77
C PHE A 292 2.86 -37.68 9.58
N VAL A 293 2.55 -38.67 10.39
CA VAL A 293 1.33 -39.44 10.25
C VAL A 293 0.42 -39.24 11.45
N GLU A 294 -0.85 -38.93 11.19
CA GLU A 294 -1.83 -38.81 12.25
C GLU A 294 -2.74 -40.02 12.25
N ASP A 295 -2.74 -40.75 13.36
CA ASP A 295 -3.57 -41.95 13.49
C ASP A 295 -4.98 -41.55 13.89
N PRO A 296 -5.91 -42.53 13.91
CA PRO A 296 -7.32 -42.23 14.22
C PRO A 296 -7.52 -41.60 15.59
N GLU A 297 -6.53 -41.71 16.47
CA GLU A 297 -6.65 -41.18 17.83
C GLU A 297 -6.22 -39.72 17.93
N GLY A 298 -5.46 -39.26 16.94
CA GLY A 298 -4.97 -37.89 16.95
C GLY A 298 -3.47 -37.81 17.18
N ASN A 299 -2.88 -38.92 17.63
CA ASN A 299 -1.44 -38.99 17.81
C ASN A 299 -0.72 -38.67 16.50
N LYS A 300 0.24 -37.76 16.56
CA LYS A 300 1.03 -37.41 15.39
C LYS A 300 2.47 -37.89 15.55
N GLU A 301 2.90 -38.77 14.65
CA GLU A 301 4.25 -39.31 14.70
C GLU A 301 4.99 -38.98 13.40
N GLU A 302 6.28 -38.67 13.53
CA GLU A 302 7.10 -38.35 12.37
C GLU A 302 7.62 -39.62 11.70
N ALA A 303 7.43 -39.71 10.39
CA ALA A 303 7.87 -40.88 9.64
C ALA A 303 9.33 -40.76 9.24
N GLN A 304 9.97 -41.90 9.02
CA GLN A 304 11.37 -41.95 8.63
C GLN A 304 11.53 -41.59 7.15
N VAL A 305 12.30 -40.55 6.87
CA VAL A 305 12.54 -40.12 5.50
C VAL A 305 14.01 -40.30 5.12
N THR A 306 14.24 -40.94 3.98
CA THR A 306 15.60 -41.27 3.56
C THR A 306 15.77 -41.07 2.05
N PRO A 307 16.78 -40.27 1.65
CA PRO A 307 17.11 -40.09 0.23
C PRO A 307 17.48 -41.42 -0.43
N ASP A 308 17.09 -41.61 -1.69
CA ASP A 308 17.37 -42.84 -2.40
C ASP A 308 18.72 -42.82 -3.12
N SER A 309 19.39 -41.67 -3.07
CA SER A 309 20.69 -41.54 -3.74
C SER A 309 21.43 -40.30 -3.23
N ASP A 310 22.60 -40.04 -3.83
CA ASP A 310 23.40 -38.88 -3.46
C ASP A 310 22.74 -37.60 -3.93
N LYS A 311 21.94 -37.69 -4.98
CA LYS A 311 21.33 -36.51 -5.60
C LYS A 311 19.96 -36.20 -5.00
N ASN A 312 19.46 -37.08 -4.14
CA ASN A 312 18.26 -36.80 -3.37
C ASN A 312 17.03 -36.45 -4.20
N LYS A 313 17.03 -36.84 -5.47
CA LYS A 313 15.91 -36.56 -6.34
C LYS A 313 14.61 -37.17 -5.80
N THR A 314 14.71 -38.35 -5.21
CA THR A 314 13.56 -38.99 -4.59
C THR A 314 13.87 -39.41 -3.15
N TYR A 315 12.84 -39.59 -2.34
CA TYR A 315 13.01 -39.98 -0.94
C TYR A 315 12.12 -41.18 -0.62
N SER A 316 12.69 -42.15 0.08
CA SER A 316 11.92 -43.27 0.59
C SER A 316 11.36 -42.90 1.96
N VAL A 317 10.06 -43.12 2.14
CA VAL A 317 9.40 -42.83 3.41
C VAL A 317 8.81 -44.10 3.98
N GLU A 318 8.88 -44.24 5.30
CA GLU A 318 8.38 -45.44 5.95
C GLU A 318 7.74 -45.11 7.30
N TYR A 319 6.58 -45.72 7.54
CA TYR A 319 5.93 -45.63 8.84
C TYR A 319 5.24 -46.95 9.14
N LEU A 320 4.79 -47.11 10.38
CA LEU A 320 4.18 -48.35 10.81
C LEU A 320 2.80 -48.09 11.42
N PRO A 321 1.74 -48.31 10.65
CA PRO A 321 0.40 -48.17 11.23
C PRO A 321 0.18 -49.22 12.32
N LYS A 322 -0.26 -48.80 13.50
CA LYS A 322 -0.33 -49.69 14.64
C LYS A 322 -1.76 -49.95 15.09
N VAL A 323 -2.71 -49.25 14.48
CA VAL A 323 -4.12 -49.47 14.78
C VAL A 323 -4.90 -49.38 13.47
N THR A 324 -6.12 -49.91 13.48
CA THR A 324 -6.97 -49.83 12.30
C THR A 324 -7.72 -48.51 12.29
N GLY A 325 -8.08 -48.05 11.10
CA GLY A 325 -8.82 -46.82 10.96
C GLY A 325 -8.16 -45.83 10.02
N LEU A 326 -8.70 -44.62 9.98
CA LEU A 326 -8.24 -43.58 9.07
C LEU A 326 -6.95 -42.92 9.57
N HIS A 327 -5.91 -42.98 8.74
CA HIS A 327 -4.66 -42.30 9.03
C HIS A 327 -4.47 -41.16 8.04
N LYS A 328 -3.96 -40.03 8.51
CA LYS A 328 -3.68 -38.89 7.64
C LYS A 328 -2.18 -38.68 7.51
N VAL A 329 -1.66 -38.86 6.31
CA VAL A 329 -0.23 -38.73 6.06
C VAL A 329 0.07 -37.36 5.45
N THR A 330 0.70 -36.50 6.24
CA THR A 330 1.11 -35.19 5.76
C THR A 330 2.52 -35.25 5.21
N VAL A 331 2.67 -34.89 3.94
CA VAL A 331 3.98 -34.81 3.30
C VAL A 331 4.33 -33.36 2.98
N LEU A 332 5.45 -32.90 3.53
CA LEU A 332 5.85 -31.51 3.39
C LEU A 332 7.17 -31.36 2.65
N PHE A 333 7.23 -30.37 1.76
CA PHE A 333 8.48 -30.00 1.13
C PHE A 333 8.74 -28.52 1.40
N ALA A 334 9.84 -28.23 2.07
CA ALA A 334 10.14 -26.87 2.50
C ALA A 334 9.04 -26.35 3.42
N GLY A 335 8.51 -27.24 4.26
CA GLY A 335 7.51 -26.87 5.25
C GLY A 335 6.12 -26.67 4.68
N GLN A 336 5.92 -27.01 3.41
CA GLN A 336 4.64 -26.79 2.74
CA GLN A 336 4.63 -26.79 2.76
C GLN A 336 4.11 -28.07 2.11
N HIS A 337 2.79 -28.27 2.19
CA HIS A 337 2.16 -29.46 1.62
C HIS A 337 2.52 -29.64 0.15
N ILE A 338 2.90 -30.85 -0.23
CA ILE A 338 3.13 -31.15 -1.63
C ILE A 338 1.80 -31.43 -2.32
N SER A 339 1.85 -31.75 -3.60
CA SER A 339 0.64 -32.05 -4.36
C SER A 339 -0.17 -33.14 -3.67
N LYS A 340 -1.45 -32.85 -3.41
CA LYS A 340 -2.41 -33.83 -2.90
C LYS A 340 -2.19 -34.26 -1.44
N SER A 341 -1.29 -33.58 -0.73
CA SER A 341 -1.14 -33.81 0.70
C SER A 341 -2.20 -32.99 1.45
N PRO A 342 -2.73 -33.52 2.56
CA PRO A 342 -2.39 -34.81 3.17
C PRO A 342 -3.13 -35.98 2.53
N PHE A 343 -2.54 -37.16 2.57
CA PHE A 343 -3.11 -38.35 1.97
C PHE A 343 -3.87 -39.16 3.02
N GLU A 344 -5.10 -39.52 2.69
CA GLU A 344 -5.91 -40.32 3.60
C GLU A 344 -5.65 -41.80 3.34
N VAL A 345 -5.28 -42.51 4.40
CA VAL A 345 -4.91 -43.92 4.30
C VAL A 345 -5.68 -44.75 5.32
N SER A 346 -6.51 -45.65 4.83
CA SER A 346 -7.30 -46.52 5.70
C SER A 346 -6.56 -47.84 5.96
N VAL A 347 -6.53 -48.24 7.22
CA VAL A 347 -5.87 -49.47 7.61
C VAL A 347 -6.91 -50.46 8.13
N PRO B 13 -31.67 -6.44 16.49
CA PRO B 13 -31.69 -6.14 15.06
C PRO B 13 -30.30 -6.05 14.46
N TRP B 14 -29.26 -6.30 15.25
CA TRP B 14 -27.89 -6.22 14.75
C TRP B 14 -27.56 -7.39 13.83
N LYS B 15 -28.33 -8.47 13.98
CA LYS B 15 -28.19 -9.63 13.10
C LYS B 15 -28.32 -9.21 11.63
N LYS B 16 -29.33 -8.39 11.35
CA LYS B 16 -29.59 -7.93 9.99
C LYS B 16 -28.55 -6.90 9.57
N ILE B 17 -28.28 -5.93 10.45
CA ILE B 17 -27.30 -4.89 10.17
C ILE B 17 -25.94 -5.50 9.87
N GLN B 18 -25.58 -6.53 10.64
CA GLN B 18 -24.28 -7.18 10.46
C GLN B 18 -24.22 -7.94 9.14
N GLN B 19 -25.30 -8.63 8.79
CA GLN B 19 -25.36 -9.34 7.52
C GLN B 19 -25.18 -8.33 6.40
N ASN B 20 -25.89 -7.21 6.48
CA ASN B 20 -25.78 -6.15 5.49
C ASN B 20 -24.35 -5.63 5.37
N THR B 21 -23.74 -5.32 6.50
CA THR B 21 -22.40 -4.74 6.50
C THR B 21 -21.37 -5.73 5.96
N PHE B 22 -21.41 -6.96 6.47
CA PHE B 22 -20.48 -7.98 6.02
C PHE B 22 -20.62 -8.24 4.53
N THR B 23 -21.85 -8.19 4.03
CA THR B 23 -22.10 -8.40 2.60
C THR B 23 -21.42 -7.31 1.79
N ARG B 24 -21.58 -6.05 2.20
CA ARG B 24 -20.98 -4.94 1.49
C ARG B 24 -19.46 -5.03 1.55
N TRP B 25 -18.94 -5.51 2.67
CA TRP B 25 -17.51 -5.68 2.82
C TRP B 25 -16.99 -6.71 1.81
N CYS B 26 -17.70 -7.82 1.67
CA CYS B 26 -17.32 -8.84 0.71
C CYS B 26 -17.37 -8.27 -0.72
N ASN B 27 -18.37 -7.45 -1.00
CA ASN B 27 -18.58 -6.93 -2.35
C ASN B 27 -17.49 -5.93 -2.79
N GLU B 28 -16.96 -5.16 -1.85
CA GLU B 28 -15.90 -4.22 -2.16
CA GLU B 28 -15.90 -4.22 -2.16
C GLU B 28 -14.68 -4.97 -2.68
N HIS B 29 -14.46 -6.17 -2.15
CA HIS B 29 -13.34 -7.00 -2.58
C HIS B 29 -13.68 -7.74 -3.88
N LEU B 30 -14.88 -8.29 -3.95
CA LEU B 30 -15.30 -9.08 -5.11
C LEU B 30 -15.44 -8.25 -6.38
N LYS B 31 -15.61 -6.94 -6.24
CA LYS B 31 -15.79 -6.09 -7.42
C LYS B 31 -14.53 -6.08 -8.28
N SER B 32 -13.37 -6.30 -7.66
CA SER B 32 -12.10 -6.28 -8.38
C SER B 32 -12.01 -7.46 -9.35
N VAL B 33 -12.82 -8.49 -9.13
CA VAL B 33 -12.86 -9.63 -10.04
C VAL B 33 -14.23 -9.78 -10.70
N ASN B 34 -14.95 -8.66 -10.79
CA ASN B 34 -16.23 -8.61 -11.49
C ASN B 34 -17.27 -9.56 -10.91
N LYS B 35 -17.29 -9.69 -9.59
CA LYS B 35 -18.27 -10.54 -8.91
C LYS B 35 -18.99 -9.76 -7.81
N ARG B 36 -20.13 -10.28 -7.37
CA ARG B 36 -20.92 -9.61 -6.33
C ARG B 36 -21.87 -10.59 -5.64
N ILE B 37 -22.11 -10.34 -4.36
CA ILE B 37 -23.00 -11.17 -3.55
C ILE B 37 -24.32 -10.46 -3.31
N GLY B 38 -25.41 -11.14 -3.65
CA GLY B 38 -26.75 -10.59 -3.43
C GLY B 38 -27.29 -10.95 -2.06
N ASN B 39 -27.01 -12.17 -1.61
CA ASN B 39 -27.51 -12.67 -0.34
C ASN B 39 -26.47 -13.61 0.28
N LEU B 40 -25.90 -13.17 1.40
CA LEU B 40 -24.80 -13.89 2.04
C LEU B 40 -25.20 -15.31 2.47
N GLN B 41 -26.48 -15.51 2.70
CA GLN B 41 -26.97 -16.80 3.20
C GLN B 41 -26.92 -17.90 2.15
N THR B 42 -27.00 -17.52 0.87
CA THR B 42 -27.06 -18.50 -0.20
C THR B 42 -25.96 -18.34 -1.25
N ASP B 43 -25.44 -17.13 -1.40
CA ASP B 43 -24.53 -16.82 -2.51
C ASP B 43 -23.08 -17.25 -2.29
N LEU B 44 -22.78 -17.81 -1.12
CA LEU B 44 -21.47 -18.42 -0.90
C LEU B 44 -21.58 -19.95 -0.92
N SER B 45 -22.80 -20.45 -0.90
CA SER B 45 -23.06 -21.87 -0.70
C SER B 45 -22.39 -22.79 -1.72
N ASP B 46 -22.26 -22.35 -2.97
CA ASP B 46 -21.65 -23.22 -3.98
C ASP B 46 -20.13 -23.02 -4.06
N GLY B 47 -19.61 -22.12 -3.24
CA GLY B 47 -18.17 -21.98 -3.07
C GLY B 47 -17.45 -21.12 -4.08
N LEU B 48 -18.11 -20.77 -5.18
CA LEU B 48 -17.46 -19.99 -6.23
C LEU B 48 -17.08 -18.59 -5.76
N ARG B 49 -18.04 -17.88 -5.17
CA ARG B 49 -17.79 -16.52 -4.68
C ARG B 49 -16.89 -16.53 -3.45
N LEU B 50 -16.97 -17.57 -2.63
CA LEU B 50 -16.08 -17.71 -1.49
C LEU B 50 -14.65 -17.89 -1.96
N ILE B 51 -14.46 -18.79 -2.91
CA ILE B 51 -13.14 -19.04 -3.50
C ILE B 51 -12.55 -17.75 -4.07
N ALA B 52 -13.36 -17.01 -4.82
CA ALA B 52 -12.93 -15.74 -5.40
C ALA B 52 -12.55 -14.77 -4.30
N LEU B 53 -13.36 -14.71 -3.25
CA LEU B 53 -13.11 -13.82 -2.12
C LEU B 53 -11.77 -14.14 -1.47
N LEU B 54 -11.50 -15.42 -1.25
CA LEU B 54 -10.27 -15.84 -0.59
C LEU B 54 -9.06 -15.52 -1.46
N GLU B 55 -9.23 -15.62 -2.77
CA GLU B 55 -8.12 -15.36 -3.70
C GLU B 55 -7.77 -13.88 -3.73
N VAL B 56 -8.78 -13.02 -3.69
CA VAL B 56 -8.56 -11.58 -3.65
C VAL B 56 -7.86 -11.20 -2.35
N LEU B 57 -8.39 -11.69 -1.24
CA LEU B 57 -7.85 -11.36 0.09
C LEU B 57 -6.41 -11.82 0.26
N SER B 58 -6.14 -13.06 -0.13
CA SER B 58 -4.81 -13.65 0.05
C SER B 58 -3.86 -13.27 -1.07
N GLN B 59 -4.39 -12.67 -2.14
CA GLN B 59 -3.60 -12.37 -3.32
C GLN B 59 -2.95 -13.65 -3.83
N LYS B 60 -3.72 -14.73 -3.84
CA LYS B 60 -3.21 -16.03 -4.23
C LYS B 60 -4.33 -16.83 -4.89
N ARG B 61 -3.95 -17.76 -5.77
CA ARG B 61 -4.92 -18.58 -6.48
CA ARG B 61 -4.92 -18.58 -6.48
C ARG B 61 -5.02 -19.96 -5.85
N MET B 62 -6.21 -20.56 -5.96
CA MET B 62 -6.42 -21.91 -5.47
C MET B 62 -5.37 -22.84 -6.04
N TYR B 63 -4.92 -23.81 -5.25
CA TYR B 63 -3.94 -24.79 -5.71
C TYR B 63 -4.63 -26.08 -6.14
N ARG B 64 -5.86 -26.28 -5.71
CA ARG B 64 -6.65 -27.45 -6.13
C ARG B 64 -7.67 -27.06 -7.19
N LYS B 65 -8.09 -28.03 -7.97
CA LYS B 65 -9.15 -27.83 -8.94
C LYS B 65 -10.50 -27.85 -8.23
N TYR B 66 -11.49 -27.17 -8.82
CA TYR B 66 -12.83 -27.13 -8.27
C TYR B 66 -13.87 -27.08 -9.39
N HIS B 67 -15.14 -27.25 -9.03
CA HIS B 67 -16.22 -27.31 -10.00
C HIS B 67 -16.59 -25.91 -10.50
N GLN B 68 -16.64 -25.75 -11.82
CA GLN B 68 -17.08 -24.48 -12.39
C GLN B 68 -18.59 -24.32 -12.25
N ARG B 69 -19.31 -25.45 -12.28
CA ARG B 69 -20.77 -25.43 -12.13
C ARG B 69 -21.22 -26.37 -11.02
N PRO B 70 -20.98 -25.98 -9.76
CA PRO B 70 -21.39 -26.75 -8.58
C PRO B 70 -22.89 -26.67 -8.34
N THR B 71 -23.65 -27.50 -9.05
CA THR B 71 -25.11 -27.47 -8.96
C THR B 71 -25.63 -28.33 -7.81
N PHE B 72 -25.41 -29.64 -7.89
CA PHE B 72 -25.87 -30.56 -6.87
C PHE B 72 -25.15 -30.31 -5.55
N ARG B 73 -25.82 -30.61 -4.45
CA ARG B 73 -25.31 -30.29 -3.11
C ARG B 73 -23.92 -30.89 -2.88
N GLN B 74 -23.71 -32.12 -3.30
CA GLN B 74 -22.44 -32.79 -3.06
C GLN B 74 -21.28 -32.04 -3.72
N MET B 75 -21.54 -31.44 -4.88
CA MET B 75 -20.52 -30.69 -5.58
C MET B 75 -20.25 -29.35 -4.89
N GLN B 76 -21.28 -28.79 -4.26
CA GLN B 76 -21.11 -27.57 -3.49
C GLN B 76 -20.25 -27.84 -2.26
N LEU B 77 -20.51 -28.96 -1.59
CA LEU B 77 -19.70 -29.37 -0.46
C LEU B 77 -18.24 -29.48 -0.85
N GLU B 78 -17.99 -30.09 -2.02
CA GLU B 78 -16.64 -30.30 -2.50
C GLU B 78 -15.92 -28.97 -2.80
N ASN B 79 -16.64 -28.02 -3.37
CA ASN B 79 -16.06 -26.70 -3.65
C ASN B 79 -15.71 -25.95 -2.38
N VAL B 80 -16.64 -25.96 -1.41
CA VAL B 80 -16.41 -25.29 -0.15
C VAL B 80 -15.25 -25.93 0.60
N SER B 81 -15.09 -27.25 0.45
CA SER B 81 -13.97 -27.97 1.04
C SER B 81 -12.65 -27.41 0.54
N VAL B 82 -12.55 -27.22 -0.77
CA VAL B 82 -11.36 -26.65 -1.37
C VAL B 82 -11.06 -25.29 -0.76
N ALA B 83 -12.10 -24.49 -0.56
CA ALA B 83 -11.95 -23.15 -0.01
C ALA B 83 -11.49 -23.16 1.45
N LEU B 84 -12.15 -23.97 2.27
CA LEU B 84 -11.85 -23.99 3.69
C LEU B 84 -10.46 -24.57 3.98
N GLU B 85 -10.00 -25.49 3.14
CA GLU B 85 -8.66 -26.03 3.29
C GLU B 85 -7.64 -24.96 2.92
N PHE B 86 -7.90 -24.28 1.81
CA PHE B 86 -7.03 -23.19 1.37
C PHE B 86 -6.86 -22.17 2.49
N LEU B 87 -7.98 -21.81 3.12
CA LEU B 87 -7.99 -20.80 4.16
C LEU B 87 -7.30 -21.30 5.43
N ASP B 88 -7.47 -22.60 5.71
CA ASP B 88 -6.85 -23.20 6.88
C ASP B 88 -5.32 -23.10 6.81
N ARG B 89 -4.78 -23.04 5.59
CA ARG B 89 -3.34 -23.01 5.40
C ARG B 89 -2.79 -21.59 5.28
N GLU B 90 -3.65 -20.59 5.43
CA GLU B 90 -3.21 -19.20 5.47
C GLU B 90 -2.90 -18.79 6.91
N SER B 91 -3.20 -19.68 7.86
CA SER B 91 -2.91 -19.43 9.27
C SER B 91 -3.72 -18.25 9.79
N ILE B 92 -4.91 -18.54 10.31
CA ILE B 92 -5.80 -17.48 10.80
C ILE B 92 -6.44 -17.83 12.15
N LYS B 93 -6.22 -19.04 12.64
CA LYS B 93 -6.90 -19.52 13.84
C LYS B 93 -8.40 -19.58 13.58
N LEU B 94 -8.76 -19.86 12.34
CA LEU B 94 -10.15 -19.93 11.92
C LEU B 94 -10.92 -20.95 12.76
N VAL B 95 -11.98 -20.49 13.42
CA VAL B 95 -12.84 -21.38 14.17
C VAL B 95 -13.29 -22.53 13.27
N SER B 96 -13.02 -23.75 13.70
CA SER B 96 -13.32 -24.92 12.89
C SER B 96 -14.77 -24.91 12.40
N ILE B 97 -14.97 -24.42 11.17
CA ILE B 97 -16.28 -24.43 10.54
C ILE B 97 -16.26 -25.47 9.43
N ASP B 98 -17.33 -26.27 9.35
CA ASP B 98 -17.42 -27.30 8.33
C ASP B 98 -18.18 -26.78 7.11
N SER B 99 -18.24 -27.59 6.07
CA SER B 99 -18.74 -27.14 4.78
C SER B 99 -20.26 -27.09 4.71
N LYS B 100 -20.92 -28.04 5.36
CA LYS B 100 -22.39 -28.09 5.32
C LYS B 100 -22.98 -26.80 5.91
N ALA B 101 -22.26 -26.18 6.84
CA ALA B 101 -22.70 -24.94 7.44
C ALA B 101 -22.83 -23.85 6.37
N ILE B 102 -21.89 -23.83 5.43
CA ILE B 102 -21.91 -22.84 4.36
C ILE B 102 -22.85 -23.26 3.23
N VAL B 103 -22.77 -24.53 2.84
CA VAL B 103 -23.61 -25.04 1.77
C VAL B 103 -25.09 -24.97 2.15
N ASP B 104 -25.41 -25.30 3.40
CA ASP B 104 -26.79 -25.34 3.86
C ASP B 104 -27.25 -24.01 4.45
N GLY B 105 -26.47 -22.96 4.19
CA GLY B 105 -26.88 -21.61 4.56
C GLY B 105 -27.12 -21.38 6.03
N ASN B 106 -26.18 -21.84 6.87
CA ASN B 106 -26.22 -21.50 8.29
C ASN B 106 -25.71 -20.09 8.48
N LEU B 107 -26.63 -19.11 8.38
CA LEU B 107 -26.25 -17.71 8.40
C LEU B 107 -25.41 -17.34 9.62
N LYS B 108 -25.78 -17.88 10.78
CA LYS B 108 -25.06 -17.59 12.01
C LYS B 108 -23.58 -17.91 11.88
N LEU B 109 -23.27 -19.07 11.30
CA LEU B 109 -21.88 -19.51 11.16
C LEU B 109 -21.18 -18.84 9.99
N ILE B 110 -21.94 -18.55 8.92
CA ILE B 110 -21.39 -17.84 7.78
C ILE B 110 -20.90 -16.45 8.19
N LEU B 111 -21.68 -15.78 9.03
CA LEU B 111 -21.29 -14.46 9.53
C LEU B 111 -20.04 -14.57 10.39
N GLY B 112 -19.94 -15.64 11.15
CA GLY B 112 -18.77 -15.88 11.99
C GLY B 112 -17.51 -16.05 11.15
N LEU B 113 -17.65 -16.69 10.00
CA LEU B 113 -16.53 -16.89 9.09
C LEU B 113 -16.06 -15.57 8.50
N VAL B 114 -17.00 -14.77 8.03
CA VAL B 114 -16.68 -13.49 7.39
C VAL B 114 -16.04 -12.54 8.41
N TRP B 115 -16.55 -12.55 9.64
CA TRP B 115 -15.95 -11.73 10.67
C TRP B 115 -14.49 -12.12 10.87
N THR B 116 -14.21 -13.42 10.80
CA THR B 116 -12.84 -13.90 10.93
C THR B 116 -11.96 -13.34 9.81
N LEU B 117 -12.52 -13.26 8.60
CA LEU B 117 -11.81 -12.70 7.46
C LEU B 117 -11.59 -11.19 7.64
N ILE B 118 -12.65 -10.49 8.04
CA ILE B 118 -12.57 -9.06 8.28
C ILE B 118 -11.51 -8.79 9.34
N LEU B 119 -11.67 -9.43 10.49
CA LEU B 119 -10.75 -9.26 11.60
C LEU B 119 -9.30 -9.51 11.19
N HIS B 120 -9.10 -10.49 10.31
CA HIS B 120 -7.75 -10.86 9.89
C HIS B 120 -7.18 -9.88 8.87
N TYR B 121 -7.85 -9.76 7.72
CA TYR B 121 -7.32 -8.99 6.60
C TYR B 121 -7.50 -7.47 6.71
N SER B 122 -8.44 -7.02 7.53
CA SER B 122 -8.72 -5.59 7.64
C SER B 122 -8.13 -4.90 8.87
N ILE B 123 -7.94 -5.66 9.95
CA ILE B 123 -7.54 -5.05 11.21
C ILE B 123 -6.21 -5.57 11.75
N SER B 124 -5.99 -6.88 11.65
CA SER B 124 -4.78 -7.49 12.19
CA SER B 124 -4.78 -7.49 12.19
C SER B 124 -3.58 -7.33 11.24
N MET B 125 -3.71 -7.88 10.04
CA MET B 125 -2.61 -7.93 9.08
C MET B 125 -2.11 -6.57 8.58
N PRO B 126 -3.03 -5.68 8.17
CA PRO B 126 -2.57 -4.48 7.46
C PRO B 126 -1.60 -3.62 8.27
N VAL B 127 -0.77 -2.86 7.55
CA VAL B 127 0.18 -1.94 8.18
C VAL B 127 -0.43 -0.54 8.22
N TRP B 128 -0.40 0.06 9.41
CA TRP B 128 -0.96 1.40 9.61
C TRP B 128 0.12 2.38 10.00
N GLU B 129 0.00 3.61 9.50
CA GLU B 129 0.92 4.69 9.87
C GLU B 129 0.47 5.31 11.20
N ASP B 130 1.33 6.17 11.76
CA ASP B 130 1.05 6.83 13.02
C ASP B 130 0.94 5.82 14.17
N GLU B 131 -0.27 5.59 14.66
CA GLU B 131 -0.49 4.72 15.81
C GLU B 131 0.23 5.25 17.05
N LYS B 137 3.64 -5.97 24.21
CA LYS B 137 2.87 -5.46 23.08
C LYS B 137 1.65 -6.33 22.80
N LYS B 138 1.11 -6.92 23.86
CA LYS B 138 -0.08 -7.77 23.73
C LYS B 138 -1.31 -6.93 23.47
N GLN B 139 -1.61 -6.69 22.19
CA GLN B 139 -2.75 -5.86 21.81
C GLN B 139 -3.65 -6.62 20.84
N THR B 140 -4.92 -6.73 21.20
CA THR B 140 -5.90 -7.36 20.32
C THR B 140 -6.21 -6.42 19.16
N PRO B 141 -6.74 -6.96 18.05
CA PRO B 141 -7.11 -6.14 16.89
C PRO B 141 -8.09 -5.03 17.27
N LYS B 142 -9.01 -5.35 18.18
CA LYS B 142 -9.98 -4.39 18.66
C LYS B 142 -9.27 -3.21 19.34
N GLN B 143 -8.30 -3.53 20.20
CA GLN B 143 -7.55 -2.51 20.92
C GLN B 143 -6.69 -1.69 19.96
N ARG B 144 -6.17 -2.34 18.91
CA ARG B 144 -5.36 -1.64 17.93
C ARG B 144 -6.17 -0.57 17.20
N LEU B 145 -7.39 -0.91 16.81
CA LEU B 145 -8.25 0.04 16.10
C LEU B 145 -8.68 1.17 17.01
N LEU B 146 -8.98 0.86 18.26
CA LEU B 146 -9.32 1.87 19.24
C LEU B 146 -8.16 2.85 19.42
N GLY B 147 -6.96 2.30 19.54
CA GLY B 147 -5.77 3.11 19.73
C GLY B 147 -5.54 4.09 18.60
N TRP B 148 -5.69 3.63 17.37
CA TRP B 148 -5.46 4.48 16.20
C TRP B 148 -6.50 5.60 16.15
N ILE B 149 -7.76 5.24 16.35
CA ILE B 149 -8.84 6.20 16.32
C ILE B 149 -8.70 7.23 17.45
N GLN B 150 -8.54 6.73 18.68
CA GLN B 150 -8.38 7.61 19.83
C GLN B 150 -7.29 8.64 19.58
N ASN B 151 -6.21 8.20 18.94
CA ASN B 151 -5.09 9.08 18.64
C ASN B 151 -5.47 10.15 17.61
N LYS B 152 -6.41 9.82 16.72
CA LYS B 152 -6.87 10.77 15.72
C LYS B 152 -7.77 11.85 16.31
N ILE B 153 -8.51 11.49 17.35
CA ILE B 153 -9.40 12.45 18.01
C ILE B 153 -9.26 12.38 19.52
N PRO B 154 -8.13 12.90 20.05
CA PRO B 154 -7.75 12.82 21.46
C PRO B 154 -8.67 13.59 22.41
N TYR B 155 -9.54 14.42 21.86
CA TYR B 155 -10.42 15.27 22.68
CA TYR B 155 -10.41 15.27 22.67
C TYR B 155 -11.77 14.60 22.92
N LEU B 156 -11.93 13.39 22.40
CA LEU B 156 -13.14 12.60 22.62
C LEU B 156 -12.77 11.26 23.25
N PRO B 157 -13.45 10.87 24.33
CA PRO B 157 -13.18 9.57 24.93
C PRO B 157 -13.71 8.43 24.06
N ILE B 158 -12.82 7.77 23.33
CA ILE B 158 -13.21 6.66 22.46
C ILE B 158 -12.79 5.33 23.07
N THR B 159 -13.77 4.60 23.61
CA THR B 159 -13.50 3.36 24.31
C THR B 159 -14.37 2.20 23.84
N ASN B 160 -15.19 2.42 22.82
CA ASN B 160 -16.06 1.37 22.31
C ASN B 160 -16.46 1.63 20.87
N PHE B 161 -17.14 0.66 20.27
CA PHE B 161 -17.60 0.78 18.88
C PHE B 161 -19.12 0.71 18.77
N ASN B 162 -19.82 1.27 19.74
CA ASN B 162 -21.26 1.40 19.66
C ASN B 162 -21.79 2.73 20.18
N GLN B 163 -21.77 2.91 21.50
CA GLN B 163 -22.36 4.09 22.12
C GLN B 163 -21.64 5.38 21.71
N ASN B 164 -20.31 5.32 21.58
CA ASN B 164 -19.53 6.51 21.26
C ASN B 164 -19.89 7.11 19.91
N TRP B 165 -20.51 6.31 19.05
CA TRP B 165 -20.76 6.71 17.67
C TRP B 165 -22.25 6.92 17.40
N GLN B 166 -23.06 6.81 18.46
CA GLN B 166 -24.52 6.82 18.31
C GLN B 166 -25.10 8.18 17.88
N ASP B 167 -24.47 9.28 18.29
CA ASP B 167 -24.99 10.60 17.95
C ASP B 167 -24.42 11.14 16.65
N GLY B 168 -23.50 10.39 16.04
CA GLY B 168 -22.98 10.73 14.73
C GLY B 168 -21.89 11.77 14.71
N LYS B 169 -21.56 12.34 15.87
CA LYS B 169 -20.60 13.44 15.93
C LYS B 169 -19.15 12.94 15.87
N ALA B 170 -18.89 11.80 16.50
CA ALA B 170 -17.56 11.21 16.47
C ALA B 170 -17.14 10.89 15.04
N LEU B 171 -18.09 10.48 14.22
CA LEU B 171 -17.81 10.22 12.81
C LEU B 171 -17.33 11.50 12.13
N GLY B 172 -18.03 12.60 12.37
CA GLY B 172 -17.64 13.89 11.84
C GLY B 172 -16.25 14.29 12.33
N ALA B 173 -16.00 14.07 13.61
CA ALA B 173 -14.70 14.39 14.20
C ALA B 173 -13.57 13.60 13.54
N LEU B 174 -13.79 12.31 13.35
CA LEU B 174 -12.76 11.46 12.74
C LEU B 174 -12.49 11.87 11.30
N VAL B 175 -13.55 12.02 10.52
CA VAL B 175 -13.41 12.42 9.12
C VAL B 175 -12.65 13.74 9.00
N ASP B 176 -13.04 14.73 9.81
CA ASP B 176 -12.39 16.04 9.74
C ASP B 176 -10.94 15.93 10.18
N SER B 177 -10.67 15.03 11.12
CA SER B 177 -9.31 14.83 11.61
C SER B 177 -8.40 14.26 10.52
N CYS B 178 -8.96 13.39 9.68
CA CYS B 178 -8.19 12.79 8.59
C CYS B 178 -7.89 13.82 7.51
N ALA B 179 -8.79 14.78 7.36
CA ALA B 179 -8.61 15.86 6.39
C ALA B 179 -9.40 17.08 6.84
N PRO B 180 -8.81 17.90 7.71
CA PRO B 180 -9.46 19.10 8.25
C PRO B 180 -10.05 19.97 7.15
N GLY B 181 -11.39 20.07 7.13
CA GLY B 181 -12.09 20.82 6.11
C GLY B 181 -13.24 20.06 5.51
N LEU B 182 -13.31 18.75 5.79
CA LEU B 182 -14.40 17.92 5.28
C LEU B 182 -15.61 17.99 6.21
N CYS B 183 -15.37 18.04 7.52
CA CYS B 183 -16.43 18.18 8.51
C CYS B 183 -15.99 19.18 9.57
N PRO B 184 -15.73 20.43 9.15
CA PRO B 184 -15.11 21.46 9.99
C PRO B 184 -15.91 21.79 11.26
N ASP B 185 -17.24 21.83 11.15
CA ASP B 185 -18.08 22.27 12.26
C ASP B 185 -18.79 21.09 12.92
N TRP B 186 -18.15 19.92 12.91
CA TRP B 186 -18.75 18.72 13.47
C TRP B 186 -19.15 18.92 14.93
N GLU B 187 -18.37 19.72 15.66
CA GLU B 187 -18.58 19.89 17.08
C GLU B 187 -19.88 20.62 17.41
N SER B 188 -20.41 21.37 16.44
CA SER B 188 -21.64 22.12 16.67
C SER B 188 -22.87 21.38 16.17
N TRP B 189 -22.67 20.19 15.61
CA TRP B 189 -23.77 19.37 15.12
C TRP B 189 -24.76 19.04 16.23
N ASP B 190 -26.02 18.87 15.85
CA ASP B 190 -27.07 18.51 16.79
C ASP B 190 -27.01 17.01 17.09
N PRO B 191 -26.71 16.63 18.34
CA PRO B 191 -26.60 15.21 18.68
C PRO B 191 -27.93 14.47 18.55
N GLN B 192 -29.03 15.22 18.47
CA GLN B 192 -30.36 14.62 18.32
C GLN B 192 -30.72 14.38 16.86
N LYS B 193 -29.77 14.64 15.96
CA LYS B 193 -29.94 14.37 14.55
C LYS B 193 -28.83 13.45 14.06
N PRO B 194 -28.73 12.26 14.66
CA PRO B 194 -27.62 11.34 14.40
C PRO B 194 -27.50 10.93 12.94
N VAL B 195 -28.62 10.59 12.30
CA VAL B 195 -28.58 10.10 10.92
C VAL B 195 -28.04 11.17 9.98
N ASP B 196 -28.45 12.41 10.19
CA ASP B 196 -27.97 13.53 9.38
C ASP B 196 -26.47 13.71 9.55
N ASN B 197 -26.00 13.59 10.79
CA ASN B 197 -24.59 13.72 11.09
C ASN B 197 -23.78 12.60 10.45
N ALA B 198 -24.24 11.37 10.64
CA ALA B 198 -23.59 10.20 10.08
C ALA B 198 -23.49 10.30 8.56
N ARG B 199 -24.61 10.64 7.93
CA ARG B 199 -24.65 10.74 6.47
C ARG B 199 -23.64 11.74 5.94
N GLU B 200 -23.61 12.93 6.52
CA GLU B 200 -22.67 13.97 6.10
C GLU B 200 -21.23 13.49 6.22
N ALA B 201 -20.88 12.96 7.38
CA ALA B 201 -19.52 12.50 7.63
C ALA B 201 -19.14 11.36 6.68
N MET B 202 -20.00 10.36 6.57
CA MET B 202 -19.70 9.16 5.81
C MET B 202 -19.71 9.41 4.30
N GLN B 203 -20.54 10.34 3.85
CA GLN B 203 -20.56 10.69 2.43
C GLN B 203 -19.29 11.46 2.07
N GLN B 204 -18.86 12.34 2.96
CA GLN B 204 -17.61 13.08 2.76
C GLN B 204 -16.41 12.12 2.71
N ALA B 205 -16.40 11.15 3.62
CA ALA B 205 -15.32 10.16 3.65
C ALA B 205 -15.34 9.34 2.37
N ASP B 206 -16.53 8.99 1.92
CA ASP B 206 -16.70 8.23 0.69
C ASP B 206 -16.17 9.02 -0.50
N ASP B 207 -16.64 10.26 -0.63
CA ASP B 207 -16.32 11.09 -1.80
C ASP B 207 -14.86 11.53 -1.84
N TRP B 208 -14.27 11.84 -0.69
CA TRP B 208 -12.95 12.48 -0.66
C TRP B 208 -11.87 11.71 0.10
N LEU B 209 -12.25 10.71 0.88
CA LEU B 209 -11.28 9.87 1.56
C LEU B 209 -11.24 8.45 0.99
N GLY B 210 -12.16 8.15 0.08
CA GLY B 210 -12.20 6.85 -0.57
C GLY B 210 -12.64 5.73 0.35
N VAL B 211 -13.41 6.08 1.38
CA VAL B 211 -13.90 5.09 2.33
C VAL B 211 -15.32 4.65 1.95
N PRO B 212 -15.46 3.41 1.46
CA PRO B 212 -16.79 2.95 1.06
C PRO B 212 -17.72 2.76 2.26
N GLN B 213 -19.00 3.03 2.06
CA GLN B 213 -19.97 2.93 3.14
C GLN B 213 -20.48 1.50 3.25
N VAL B 214 -19.61 0.59 3.66
CA VAL B 214 -19.98 -0.80 3.86
C VAL B 214 -21.06 -0.92 4.93
N ILE B 215 -21.15 0.11 5.77
CA ILE B 215 -22.29 0.28 6.66
C ILE B 215 -22.95 1.60 6.31
N THR B 216 -24.27 1.67 6.46
CA THR B 216 -25.01 2.88 6.08
C THR B 216 -25.21 3.79 7.29
N PRO B 217 -25.45 5.09 7.04
CA PRO B 217 -25.73 6.04 8.12
C PRO B 217 -26.88 5.58 9.01
N GLU B 218 -27.95 5.08 8.40
CA GLU B 218 -29.11 4.60 9.14
C GLU B 218 -28.71 3.44 10.07
N GLU B 219 -27.80 2.61 9.60
CA GLU B 219 -27.40 1.42 10.34
C GLU B 219 -26.46 1.74 11.49
N ILE B 220 -25.44 2.55 11.24
CA ILE B 220 -24.39 2.78 12.21
C ILE B 220 -24.88 3.51 13.47
N ILE B 221 -25.90 4.35 13.32
CA ILE B 221 -26.46 5.08 14.45
C ILE B 221 -27.65 4.35 15.07
N HIS B 222 -28.07 3.25 14.45
CA HIS B 222 -29.17 2.47 14.99
C HIS B 222 -28.83 2.02 16.41
N PRO B 223 -29.78 2.15 17.34
CA PRO B 223 -29.48 1.90 18.76
C PRO B 223 -29.07 0.45 19.06
N ASP B 224 -29.41 -0.47 18.17
CA ASP B 224 -29.09 -1.88 18.36
C ASP B 224 -27.86 -2.34 17.59
N VAL B 225 -27.18 -1.42 16.93
CA VAL B 225 -25.99 -1.76 16.14
C VAL B 225 -24.98 -2.52 16.98
N ASP B 226 -24.15 -3.34 16.32
CA ASP B 226 -23.15 -4.13 17.02
C ASP B 226 -21.74 -3.61 16.71
N GLU B 227 -20.81 -3.86 17.62
CA GLU B 227 -19.45 -3.35 17.47
C GLU B 227 -18.75 -3.88 16.22
N HIS B 228 -18.99 -5.15 15.88
CA HIS B 228 -18.34 -5.76 14.74
C HIS B 228 -18.66 -5.02 13.44
N SER B 229 -19.94 -4.69 13.25
CA SER B 229 -20.37 -3.97 12.07
C SER B 229 -19.67 -2.60 11.98
N VAL B 230 -19.57 -1.93 13.13
CA VAL B 230 -18.93 -0.61 13.17
C VAL B 230 -17.43 -0.75 12.92
N MET B 231 -16.81 -1.74 13.53
CA MET B 231 -15.38 -1.99 13.35
C MET B 231 -15.05 -2.26 11.89
N THR B 232 -15.96 -2.95 11.21
CA THR B 232 -15.76 -3.27 9.80
C THR B 232 -15.64 -1.99 8.98
N TYR B 233 -16.50 -1.03 9.26
CA TYR B 233 -16.47 0.25 8.55
C TYR B 233 -15.25 1.08 8.95
N LEU B 234 -15.05 1.25 10.24
CA LEU B 234 -14.00 2.14 10.74
C LEU B 234 -12.59 1.64 10.43
N SER B 235 -12.44 0.33 10.25
CA SER B 235 -11.13 -0.25 9.96
C SER B 235 -10.59 0.21 8.61
N GLN B 236 -11.38 0.97 7.86
CA GLN B 236 -10.98 1.44 6.55
C GLN B 236 -10.24 2.78 6.62
N PHE B 237 -10.38 3.50 7.73
CA PHE B 237 -9.82 4.84 7.84
C PHE B 237 -8.30 4.89 7.92
N PRO B 238 -7.68 3.93 8.63
CA PRO B 238 -6.22 3.90 8.74
C PRO B 238 -5.52 3.98 7.38
N LYS B 239 -6.12 3.43 6.34
CA LYS B 239 -5.53 3.48 5.01
C LYS B 239 -6.33 4.39 4.08
N ALA B 240 -6.98 5.39 4.65
CA ALA B 240 -7.74 6.37 3.88
C ALA B 240 -6.79 7.36 3.23
N LYS B 241 -7.07 7.73 1.99
CA LYS B 241 -6.26 8.68 1.26
C LYS B 241 -7.12 9.84 0.75
N LEU B 242 -6.64 11.06 0.97
CA LEU B 242 -7.33 12.25 0.47
C LEU B 242 -7.23 12.31 -1.05
N LYS B 243 -8.37 12.53 -1.70
CA LYS B 243 -8.41 12.61 -3.15
C LYS B 243 -8.13 14.03 -3.64
N PRO B 244 -7.37 14.17 -4.72
CA PRO B 244 -7.05 15.50 -5.26
C PRO B 244 -8.31 16.32 -5.55
N GLY B 245 -8.24 17.62 -5.30
CA GLY B 245 -9.35 18.52 -5.61
C GLY B 245 -10.49 18.43 -4.61
N ALA B 246 -10.18 18.07 -3.38
CA ALA B 246 -11.20 17.99 -2.34
C ALA B 246 -11.56 19.39 -1.84
N PRO B 247 -12.86 19.65 -1.64
CA PRO B 247 -13.33 20.96 -1.19
C PRO B 247 -13.14 21.15 0.32
N LEU B 248 -11.90 21.39 0.74
CA LEU B 248 -11.59 21.55 2.15
C LEU B 248 -11.84 22.98 2.62
N LYS B 249 -12.65 23.11 3.66
CA LYS B 249 -12.89 24.40 4.29
C LYS B 249 -12.62 24.28 5.79
N PRO B 250 -11.33 24.17 6.16
CA PRO B 250 -10.93 23.90 7.54
C PRO B 250 -11.33 25.01 8.52
N LYS B 251 -11.73 24.61 9.71
CA LYS B 251 -12.13 25.52 10.76
C LYS B 251 -10.90 26.22 11.35
N LEU B 252 -11.06 27.48 11.75
CA LEU B 252 -9.98 28.22 12.38
C LEU B 252 -9.56 27.55 13.69
N ASN B 253 -8.37 26.97 13.69
CA ASN B 253 -7.85 26.28 14.87
C ASN B 253 -6.33 26.38 14.94
N PRO B 254 -5.82 27.36 15.69
CA PRO B 254 -4.38 27.57 15.87
C PRO B 254 -3.63 26.30 16.26
N LYS B 255 -4.29 25.37 16.93
CA LYS B 255 -3.65 24.14 17.37
C LYS B 255 -3.27 23.25 16.20
N LYS B 256 -3.97 23.42 15.07
CA LYS B 256 -3.66 22.68 13.86
C LYS B 256 -2.49 23.30 13.12
N ALA B 257 -2.11 24.52 13.53
CA ALA B 257 -0.95 25.18 12.95
C ALA B 257 0.32 24.57 13.56
N ARG B 258 1.27 24.22 12.69
CA ARG B 258 2.47 23.52 13.11
C ARG B 258 3.71 24.29 12.68
N ALA B 259 4.81 24.08 13.40
CA ALA B 259 6.08 24.71 13.06
C ALA B 259 7.21 23.70 13.15
N TYR B 260 8.20 23.84 12.29
CA TYR B 260 9.35 22.94 12.27
C TYR B 260 10.54 23.59 11.59
N GLY B 261 11.74 23.19 12.02
CA GLY B 261 12.96 23.76 11.49
C GLY B 261 13.89 24.20 12.61
N ARG B 262 15.16 24.38 12.28
CA ARG B 262 16.17 24.79 13.25
C ARG B 262 15.68 25.96 14.11
N GLY B 263 14.99 26.90 13.48
CA GLY B 263 14.58 28.13 14.15
C GLY B 263 13.94 27.92 15.50
N ILE B 264 13.22 26.82 15.66
CA ILE B 264 12.47 26.57 16.89
C ILE B 264 12.98 25.34 17.65
N GLU B 265 14.18 24.88 17.32
CA GLU B 265 14.75 23.72 17.98
C GLU B 265 15.50 24.14 19.25
N PRO B 266 15.45 23.30 20.30
CA PRO B 266 16.04 23.60 21.61
C PRO B 266 17.52 23.92 21.53
N THR B 267 18.26 23.21 20.68
CA THR B 267 19.68 23.47 20.49
C THR B 267 20.00 23.54 19.01
N GLY B 268 21.17 24.08 18.67
CA GLY B 268 21.61 24.14 17.29
C GLY B 268 21.83 25.56 16.79
N ASN B 269 20.95 26.47 17.20
CA ASN B 269 21.07 27.86 16.77
C ASN B 269 22.31 28.53 17.36
N MET B 270 22.85 29.49 16.61
CA MET B 270 24.09 30.16 17.00
C MET B 270 23.97 31.67 16.80
N VAL B 271 24.78 32.41 17.54
CA VAL B 271 24.78 33.87 17.46
C VAL B 271 25.17 34.35 16.06
N LYS B 272 24.48 35.37 15.57
CA LYS B 272 24.73 35.93 14.24
C LYS B 272 24.69 34.87 13.15
N GLN B 273 23.75 33.94 13.24
CA GLN B 273 23.52 32.99 12.16
C GLN B 273 22.02 32.80 11.98
N PRO B 274 21.52 33.03 10.75
CA PRO B 274 20.09 32.96 10.44
C PRO B 274 19.38 31.78 11.09
N ALA B 275 18.34 32.07 11.86
CA ALA B 275 17.50 31.05 12.47
C ALA B 275 16.18 30.97 11.72
N LYS B 276 16.04 29.92 10.90
CA LYS B 276 14.90 29.79 10.01
C LYS B 276 14.05 28.59 10.36
N PHE B 277 12.73 28.72 10.16
CA PHE B 277 11.82 27.60 10.30
C PHE B 277 10.55 27.86 9.50
N THR B 278 9.69 26.86 9.43
CA THR B 278 8.46 26.96 8.64
C THR B 278 7.24 26.89 9.55
N VAL B 279 6.18 27.59 9.16
CA VAL B 279 4.92 27.55 9.89
C VAL B 279 3.81 27.06 8.99
N ASP B 280 3.35 25.84 9.24
CA ASP B 280 2.30 25.22 8.44
C ASP B 280 0.92 25.53 9.02
N THR B 281 0.05 26.08 8.19
CA THR B 281 -1.32 26.40 8.61
C THR B 281 -2.35 25.84 7.62
N ILE B 282 -1.93 24.82 6.86
CA ILE B 282 -2.79 24.23 5.86
C ILE B 282 -4.15 23.83 6.44
N SER B 283 -4.14 23.18 7.59
CA SER B 283 -5.35 22.68 8.21
C SER B 283 -5.83 23.56 9.37
N ALA B 284 -5.25 24.75 9.48
CA ALA B 284 -5.57 25.65 10.58
C ALA B 284 -6.62 26.69 10.18
N GLY B 285 -6.97 26.72 8.90
CA GLY B 285 -7.99 27.63 8.42
C GLY B 285 -7.44 28.98 8.02
N GLN B 286 -8.32 29.99 7.98
CA GLN B 286 -7.93 31.33 7.57
C GLN B 286 -7.44 32.15 8.76
N GLY B 287 -6.33 32.85 8.56
CA GLY B 287 -5.76 33.68 9.60
C GLY B 287 -4.37 34.19 9.22
N ASP B 288 -3.89 35.18 9.95
CA ASP B 288 -2.56 35.74 9.72
C ASP B 288 -1.58 35.20 10.73
N VAL B 289 -0.33 35.03 10.31
CA VAL B 289 0.73 34.55 11.19
C VAL B 289 1.51 35.72 11.75
N MET B 290 1.79 35.67 13.05
CA MET B 290 2.56 36.71 13.71
C MET B 290 3.61 36.08 14.61
N VAL B 291 4.87 36.41 14.36
CA VAL B 291 5.98 35.81 15.10
C VAL B 291 6.90 36.87 15.69
N PHE B 292 7.26 36.70 16.96
CA PHE B 292 8.26 37.55 17.59
C PHE B 292 9.10 36.75 18.57
N VAL B 293 10.38 37.12 18.68
CA VAL B 293 11.32 36.41 19.52
C VAL B 293 11.66 37.20 20.78
N GLU B 294 11.69 36.49 21.90
CA GLU B 294 11.99 37.10 23.19
C GLU B 294 13.32 36.61 23.71
N ASP B 295 14.30 37.51 23.77
CA ASP B 295 15.65 37.15 24.21
C ASP B 295 15.69 36.99 25.74
N PRO B 296 16.81 36.50 26.26
CA PRO B 296 16.94 36.23 27.71
C PRO B 296 16.63 37.46 28.57
N GLU B 297 16.88 38.65 28.05
CA GLU B 297 16.67 39.88 28.80
C GLU B 297 15.19 40.27 28.83
N GLY B 298 14.44 39.81 27.83
CA GLY B 298 13.03 40.16 27.73
C GLY B 298 12.77 41.03 26.51
N ASN B 299 13.83 41.46 25.84
CA ASN B 299 13.69 42.28 24.64
C ASN B 299 12.92 41.53 23.56
N LYS B 300 11.81 42.13 23.13
CA LYS B 300 10.93 41.49 22.15
C LYS B 300 11.12 42.09 20.75
N GLU B 301 11.37 41.23 19.78
CA GLU B 301 11.55 41.66 18.40
C GLU B 301 10.70 40.83 17.45
N GLU B 302 10.05 41.49 16.51
CA GLU B 302 9.20 40.81 15.54
C GLU B 302 10.06 40.16 14.45
N ALA B 303 9.72 38.94 14.08
CA ALA B 303 10.48 38.19 13.08
C ALA B 303 9.89 38.38 11.69
N GLN B 304 10.68 38.03 10.68
CA GLN B 304 10.23 38.13 9.29
C GLN B 304 9.37 36.92 8.93
N VAL B 305 8.16 37.20 8.42
CA VAL B 305 7.24 36.14 8.00
C VAL B 305 6.89 36.33 6.53
N THR B 306 7.08 35.28 5.74
CA THR B 306 6.89 35.35 4.30
C THR B 306 6.12 34.16 3.76
N PRO B 307 4.97 34.41 3.12
CA PRO B 307 4.19 33.35 2.48
C PRO B 307 4.98 32.64 1.38
N ASP B 308 4.83 31.32 1.27
CA ASP B 308 5.52 30.55 0.25
C ASP B 308 4.71 30.49 -1.05
N SER B 309 3.39 30.68 -0.93
CA SER B 309 2.51 30.66 -2.09
C SER B 309 1.37 31.64 -1.89
N ASP B 310 0.51 31.76 -2.91
CA ASP B 310 -0.64 32.65 -2.84
C ASP B 310 -1.75 32.03 -1.99
N LYS B 311 -1.69 30.72 -1.81
CA LYS B 311 -2.67 30.02 -0.98
C LYS B 311 -2.53 30.41 0.50
N ASN B 312 -1.37 30.97 0.85
CA ASN B 312 -1.14 31.40 2.22
C ASN B 312 -1.35 30.28 3.22
N LYS B 313 -0.69 29.14 2.97
CA LYS B 313 -0.85 27.97 3.82
C LYS B 313 0.40 27.71 4.66
N THR B 314 1.57 27.78 4.03
CA THR B 314 2.83 27.63 4.74
C THR B 314 3.63 28.92 4.68
N TYR B 315 4.37 29.21 5.73
CA TYR B 315 5.14 30.45 5.81
C TYR B 315 6.61 30.16 6.11
N SER B 316 7.50 30.94 5.48
CA SER B 316 8.91 30.89 5.82
C SER B 316 9.22 31.97 6.84
N VAL B 317 9.76 31.57 7.99
CA VAL B 317 10.07 32.51 9.06
C VAL B 317 11.58 32.55 9.28
N GLU B 318 12.08 33.71 9.68
CA GLU B 318 13.51 33.89 9.91
C GLU B 318 13.79 35.02 10.90
N TYR B 319 14.81 34.82 11.74
CA TYR B 319 15.25 35.85 12.67
C TYR B 319 16.73 35.65 12.97
N LEU B 320 17.40 36.71 13.42
CA LEU B 320 18.83 36.67 13.65
C LEU B 320 19.16 36.89 15.14
N PRO B 321 19.48 35.81 15.86
CA PRO B 321 19.86 35.95 17.27
C PRO B 321 21.17 36.71 17.42
N LYS B 322 21.22 37.67 18.34
CA LYS B 322 22.39 38.52 18.49
C LYS B 322 23.11 38.27 19.82
N VAL B 323 22.48 37.51 20.71
CA VAL B 323 23.09 37.18 21.99
C VAL B 323 22.87 35.70 22.31
N THR B 324 23.67 35.18 23.24
CA THR B 324 23.52 33.81 23.69
C THR B 324 22.49 33.75 24.81
N GLY B 325 21.93 32.57 25.06
CA GLY B 325 21.00 32.38 26.15
C GLY B 325 19.69 31.75 25.72
N LEU B 326 18.74 31.71 26.65
CA LEU B 326 17.46 31.07 26.41
C LEU B 326 16.46 32.05 25.79
N HIS B 327 16.15 31.83 24.52
CA HIS B 327 15.15 32.64 23.82
C HIS B 327 13.80 31.96 23.86
N LYS B 328 12.75 32.73 23.57
CA LYS B 328 11.40 32.18 23.48
C LYS B 328 10.72 32.70 22.22
N VAL B 329 10.51 31.81 21.26
CA VAL B 329 9.86 32.17 20.00
C VAL B 329 8.35 32.03 20.13
N THR B 330 7.64 33.14 19.97
CA THR B 330 6.18 33.13 20.01
C THR B 330 5.61 33.12 18.60
N VAL B 331 4.99 32.00 18.23
CA VAL B 331 4.31 31.90 16.95
C VAL B 331 2.80 31.97 17.16
N LEU B 332 2.18 33.02 16.63
CA LEU B 332 0.75 33.22 16.77
C LEU B 332 0.02 33.03 15.45
N PHE B 333 -1.21 32.52 15.54
CA PHE B 333 -2.08 32.42 14.39
C PHE B 333 -3.45 32.96 14.79
N ALA B 334 -3.92 33.98 14.07
CA ALA B 334 -5.14 34.67 14.44
C ALA B 334 -5.05 35.20 15.87
N GLY B 335 -3.85 35.56 16.29
CA GLY B 335 -3.63 36.15 17.60
C GLY B 335 -3.60 35.13 18.73
N GLN B 336 -3.33 33.87 18.39
CA GLN B 336 -3.33 32.79 19.37
C GLN B 336 -2.13 31.87 19.16
N HIS B 337 -1.57 31.38 20.26
CA HIS B 337 -0.41 30.49 20.18
C HIS B 337 -0.75 29.21 19.44
N ILE B 338 0.12 28.81 18.51
CA ILE B 338 -0.05 27.57 17.78
C ILE B 338 0.47 26.40 18.60
N SER B 339 0.43 25.21 18.03
CA SER B 339 0.89 24.01 18.72
C SER B 339 2.35 24.17 19.17
N LYS B 340 2.60 23.89 20.45
CA LYS B 340 3.95 23.90 21.02
C LYS B 340 4.56 25.30 21.13
N SER B 341 3.74 26.33 20.98
CA SER B 341 4.20 27.70 21.18
C SER B 341 3.91 28.12 22.62
N PRO B 342 4.82 28.87 23.24
CA PRO B 342 6.09 29.34 22.67
C PRO B 342 7.18 28.27 22.69
N PHE B 343 8.20 28.44 21.85
CA PHE B 343 9.31 27.50 21.76
C PHE B 343 10.52 28.01 22.51
N GLU B 344 11.08 27.17 23.38
CA GLU B 344 12.30 27.52 24.09
C GLU B 344 13.52 27.20 23.21
N VAL B 345 14.26 28.25 22.86
CA VAL B 345 15.38 28.11 21.93
C VAL B 345 16.68 28.60 22.56
N SER B 346 17.57 27.67 22.88
CA SER B 346 18.85 28.02 23.47
C SER B 346 19.85 28.39 22.38
N VAL B 347 20.45 29.57 22.51
CA VAL B 347 21.44 30.05 21.57
C VAL B 347 22.84 29.91 22.16
#